data_5VH2
#
_entry.id   5VH2
#
_cell.length_a   43.738
_cell.length_b   47.210
_cell.length_c   113.044
_cell.angle_alpha   89.95
_cell.angle_beta   90.02
_cell.angle_gamma   115.76
#
_symmetry.space_group_name_H-M   'P 1'
#
loop_
_entity.id
_entity.type
_entity.pdbx_description
1 polymer Cadherin-23
2 non-polymer 'CALCIUM ION'
3 non-polymer 'SODIUM ION'
#
_entity_poly.entity_id   1
_entity_poly.type   'polypeptide(L)'
_entity_poly.pdbx_seq_one_letter_code
;MNDEAPVFTQQQYNRLGLRETAGIGTSVIVVRATDKDTGDGGLVNYRILSGAEGKFEIDESTGLIVTVDYLDYETKTSYL
MNVSATDGAPPFNQGFCSVYVTLLNELDEAVQFSNASYEAVIMENLALGTEIVRVQAYDIDNLNQITYRFDAYTSAQAKA
LFKIDAITGVITVKGLVDREKGDFYTLTVVADDGGPKVDSTVKVYITVLDENLEHHHHHH
;
_entity_poly.pdbx_strand_id   A,B,C,D
#
loop_
_chem_comp.id
_chem_comp.type
_chem_comp.name
_chem_comp.formula
CA non-polymer 'CALCIUM ION' 'Ca 2'
NA non-polymer 'SODIUM ION' 'Na 1'
#
# COMPACT_ATOMS: atom_id res chain seq x y z
N ASN A 2 -11.78 46.45 -41.83
CA ASN A 2 -13.06 45.96 -41.23
C ASN A 2 -14.27 45.68 -42.17
N ASP A 3 -14.06 45.31 -43.45
CA ASP A 3 -15.18 45.31 -44.40
C ASP A 3 -16.31 44.40 -43.90
N GLU A 4 -16.01 43.20 -43.44
CA GLU A 4 -16.94 42.42 -42.59
C GLU A 4 -16.24 41.48 -41.59
N ALA A 5 -17.02 40.98 -40.65
CA ALA A 5 -16.51 40.08 -39.63
C ALA A 5 -16.91 38.65 -39.99
N PRO A 6 -16.22 37.67 -39.39
CA PRO A 6 -16.50 36.26 -39.65
C PRO A 6 -17.84 35.83 -39.10
N VAL A 7 -18.54 35.01 -39.88
CA VAL A 7 -19.78 34.41 -39.44
C VAL A 7 -19.60 32.88 -39.54
N PHE A 8 -19.79 32.18 -38.41
CA PHE A 8 -19.81 30.73 -38.40
C PHE A 8 -20.98 30.21 -39.22
N THR A 9 -20.87 28.99 -39.72
CA THR A 9 -21.99 28.37 -40.46
C THR A 9 -23.13 27.93 -39.56
N GLN A 10 -22.90 27.85 -38.26
CA GLN A 10 -23.99 27.54 -37.29
C GLN A 10 -23.83 28.36 -36.01
N GLN A 11 -24.96 28.78 -35.39
CA GLN A 11 -24.96 29.47 -34.10
C GLN A 11 -24.54 28.56 -32.93
N GLN A 12 -25.16 27.39 -32.85
CA GLN A 12 -24.75 26.33 -31.92
C GLN A 12 -24.45 25.08 -32.73
N TYR A 13 -23.20 24.60 -32.63
CA TYR A 13 -22.87 23.30 -33.19
C TYR A 13 -23.20 22.20 -32.18
N ASN A 14 -23.47 21.00 -32.68
CA ASN A 14 -23.89 19.88 -31.87
C ASN A 14 -23.10 18.64 -32.18
N ARG A 15 -22.48 18.08 -31.13
CA ARG A 15 -21.99 16.71 -31.18
C ARG A 15 -22.59 15.88 -30.03
N LEU A 16 -23.50 14.98 -30.38
CA LEU A 16 -24.26 14.19 -29.40
C LEU A 16 -23.75 12.76 -29.36
N GLY A 17 -23.63 12.19 -28.17
CA GLY A 17 -23.26 10.79 -28.03
C GLY A 17 -21.80 10.48 -28.33
N LEU A 18 -20.94 11.42 -27.98
CA LEU A 18 -19.51 11.17 -28.02
C LEU A 18 -19.19 10.13 -26.95
N ARG A 19 -18.54 9.05 -27.36
CA ARG A 19 -18.27 7.94 -26.46
C ARG A 19 -17.36 8.43 -25.33
N GLU A 20 -17.77 8.25 -24.07
CA GLU A 20 -16.98 8.77 -22.94
C GLU A 20 -15.59 8.14 -22.86
N THR A 21 -15.45 6.91 -23.34
CA THR A 21 -14.14 6.23 -23.39
C THR A 21 -13.34 6.55 -24.65
N ALA A 22 -13.75 7.55 -25.42
CA ALA A 22 -12.97 7.99 -26.57
C ALA A 22 -11.54 8.34 -26.19
N GLY A 23 -10.61 8.03 -27.09
CA GLY A 23 -9.19 8.29 -26.88
C GLY A 23 -8.83 9.75 -27.11
N ILE A 24 -7.63 10.10 -26.69
CA ILE A 24 -7.15 11.47 -26.86
C ILE A 24 -6.82 11.75 -28.33
N GLY A 25 -7.18 12.94 -28.81
CA GLY A 25 -7.09 13.27 -30.23
C GLY A 25 -8.30 12.87 -31.08
N THR A 26 -9.38 12.42 -30.46
CA THR A 26 -10.55 11.98 -31.21
C THR A 26 -11.24 13.20 -31.78
N SER A 27 -11.67 13.10 -33.04
CA SER A 27 -12.35 14.21 -33.70
C SER A 27 -13.73 14.42 -33.05
N VAL A 28 -13.99 15.67 -32.66
CA VAL A 28 -15.24 16.01 -31.98
C VAL A 28 -16.26 16.65 -32.94
N ILE A 29 -15.87 17.76 -33.55
CA ILE A 29 -16.67 18.41 -34.57
C ILE A 29 -15.83 19.46 -35.27
N VAL A 30 -16.16 19.81 -36.51
CA VAL A 30 -15.46 20.87 -37.23
C VAL A 30 -16.29 22.14 -37.32
N VAL A 31 -15.71 23.25 -36.85
CA VAL A 31 -16.37 24.56 -37.00
C VAL A 31 -15.84 25.26 -38.24
N ARG A 32 -16.59 26.23 -38.70
CA ARG A 32 -16.22 26.98 -39.89
C ARG A 32 -16.86 28.38 -39.88
N ALA A 33 -16.01 29.40 -39.96
CA ALA A 33 -16.47 30.76 -40.10
C ALA A 33 -15.91 31.32 -41.38
N THR A 34 -16.79 31.91 -42.18
CA THR A 34 -16.43 32.47 -43.45
C THR A 34 -16.31 33.99 -43.29
N ASP A 35 -15.30 34.54 -43.98
CA ASP A 35 -15.08 35.97 -44.07
C ASP A 35 -14.73 36.25 -45.53
N LYS A 36 -15.49 37.14 -46.16
CA LYS A 36 -15.40 37.30 -47.62
C LYS A 36 -14.63 38.56 -48.00
N ASP A 37 -13.98 39.19 -47.02
CA ASP A 37 -12.85 40.08 -47.28
C ASP A 37 -11.73 39.31 -47.90
N THR A 38 -11.00 39.95 -48.81
CA THR A 38 -9.78 39.37 -49.39
C THR A 38 -8.63 39.40 -48.41
N GLY A 39 -7.59 38.67 -48.77
CA GLY A 39 -6.30 38.74 -48.07
C GLY A 39 -6.47 38.42 -46.61
N ASP A 40 -5.74 39.08 -45.73
CA ASP A 40 -5.74 38.71 -44.30
C ASP A 40 -7.02 39.10 -43.56
N GLY A 41 -7.74 40.07 -44.11
CA GLY A 41 -9.06 40.44 -43.62
C GLY A 41 -10.12 39.35 -43.73
N GLY A 42 -9.86 38.33 -44.55
CA GLY A 42 -10.76 37.19 -44.72
C GLY A 42 -10.21 35.88 -44.17
N LEU A 43 -9.13 35.96 -43.40
CA LEU A 43 -8.45 34.79 -42.86
C LEU A 43 -8.69 34.75 -41.36
N VAL A 44 -9.35 33.70 -40.90
CA VAL A 44 -9.83 33.67 -39.55
C VAL A 44 -9.04 32.75 -38.66
N ASN A 45 -8.91 33.11 -37.38
CA ASN A 45 -8.19 32.29 -36.39
C ASN A 45 -9.18 31.78 -35.35
N TYR A 46 -9.18 30.47 -35.12
CA TYR A 46 -10.15 29.85 -34.23
C TYR A 46 -9.63 29.68 -32.80
N ARG A 47 -10.54 29.84 -31.84
CA ARG A 47 -10.17 29.81 -30.43
C ARG A 47 -11.37 29.47 -29.54
N ILE A 48 -11.14 28.67 -28.50
CA ILE A 48 -12.13 28.44 -27.45
C ILE A 48 -11.97 29.46 -26.32
N LEU A 49 -13.03 30.20 -25.99
CA LEU A 49 -13.00 31.23 -24.93
C LEU A 49 -13.38 30.68 -23.57
N SER A 50 -14.25 29.66 -23.54
CA SER A 50 -14.68 29.04 -22.28
C SER A 50 -15.35 27.69 -22.51
N GLY A 51 -15.37 26.85 -21.47
CA GLY A 51 -16.33 25.75 -21.37
C GLY A 51 -15.77 24.38 -21.73
N ALA A 52 -14.52 24.34 -22.14
CA ALA A 52 -13.90 23.08 -22.50
C ALA A 52 -13.39 22.34 -21.28
N GLU A 53 -13.16 23.07 -20.20
CA GLU A 53 -12.67 22.50 -18.93
C GLU A 53 -11.49 21.54 -19.09
N GLY A 54 -10.52 21.91 -19.92
CA GLY A 54 -9.26 21.15 -20.09
C GLY A 54 -9.36 19.86 -20.87
N LYS A 55 -10.52 19.59 -21.47
CA LYS A 55 -10.79 18.33 -22.23
C LYS A 55 -10.76 18.52 -23.74
N PHE A 56 -10.92 19.75 -24.23
CA PHE A 56 -10.92 19.98 -25.68
C PHE A 56 -10.00 21.10 -26.12
N GLU A 57 -9.55 20.98 -27.36
CA GLU A 57 -8.63 21.94 -27.96
C GLU A 57 -9.06 22.11 -29.41
N ILE A 58 -9.01 23.36 -29.88
CA ILE A 58 -9.38 23.67 -31.26
C ILE A 58 -8.12 23.99 -32.07
N ASP A 59 -8.12 23.55 -33.33
CA ASP A 59 -7.03 23.96 -34.23
C ASP A 59 -7.31 25.37 -34.66
N GLU A 60 -6.36 26.28 -34.49
CA GLU A 60 -6.67 27.69 -34.77
C GLU A 60 -6.94 27.99 -36.22
N SER A 61 -6.47 27.10 -37.07
CA SER A 61 -6.49 27.30 -38.48
C SER A 61 -7.52 26.39 -39.15
N THR A 62 -7.57 25.15 -38.70
CA THR A 62 -8.48 24.15 -39.25
C THR A 62 -9.89 24.29 -38.71
N GLY A 63 -10.00 24.67 -37.44
CA GLY A 63 -11.31 24.79 -36.79
C GLY A 63 -11.83 23.45 -36.32
N LEU A 64 -10.98 22.42 -36.36
CA LEU A 64 -11.34 21.11 -35.87
C LEU A 64 -11.16 21.12 -34.36
N ILE A 65 -12.16 20.61 -33.65
CA ILE A 65 -12.03 20.35 -32.23
C ILE A 65 -11.76 18.86 -31.94
N VAL A 66 -10.79 18.58 -31.07
CA VAL A 66 -10.39 17.22 -30.69
C VAL A 66 -10.29 17.13 -29.19
N THR A 67 -10.28 15.90 -28.65
CA THR A 67 -10.17 15.77 -27.20
C THR A 67 -8.70 15.89 -26.82
N VAL A 68 -8.42 16.31 -25.58
CA VAL A 68 -7.05 16.46 -25.10
C VAL A 68 -6.73 15.83 -23.74
N ASP A 69 -7.72 15.34 -22.99
CA ASP A 69 -7.51 14.19 -22.08
C ASP A 69 -8.78 13.39 -21.94
N TYR A 70 -8.88 12.56 -20.91
CA TYR A 70 -9.90 11.56 -20.87
C TYR A 70 -11.23 12.19 -20.46
N LEU A 71 -12.31 11.56 -20.94
CA LEU A 71 -13.64 12.01 -20.60
C LEU A 71 -14.25 11.05 -19.60
N ASP A 72 -15.31 11.53 -18.94
CA ASP A 72 -16.02 10.72 -17.97
C ASP A 72 -17.49 11.15 -17.86
N TYR A 73 -18.40 10.27 -18.31
CA TYR A 73 -19.83 10.47 -18.15
C TYR A 73 -20.20 10.72 -16.69
N GLU A 74 -19.61 9.92 -15.82
CA GLU A 74 -19.89 9.96 -14.39
C GLU A 74 -19.32 11.19 -13.68
N THR A 75 -18.43 11.96 -14.30
CA THR A 75 -17.98 13.26 -13.75
C THR A 75 -18.63 14.46 -14.45
N LYS A 76 -18.87 14.37 -15.76
CA LYS A 76 -19.57 15.44 -16.46
C LYS A 76 -20.20 14.91 -17.76
N THR A 77 -21.50 15.07 -17.86
CA THR A 77 -22.30 14.46 -18.92
C THR A 77 -22.32 15.28 -20.21
N SER A 78 -22.09 16.59 -20.11
CA SER A 78 -22.08 17.46 -21.29
C SER A 78 -21.28 18.77 -21.09
N TYR A 79 -20.86 19.37 -22.21
CA TYR A 79 -19.96 20.53 -22.29
C TYR A 79 -20.58 21.56 -23.23
N LEU A 80 -20.48 22.85 -22.89
CA LEU A 80 -20.90 23.91 -23.80
C LEU A 80 -19.77 24.95 -23.97
N MET A 81 -19.08 24.87 -25.12
CA MET A 81 -17.86 25.66 -25.32
C MET A 81 -18.18 26.89 -26.14
N ASN A 82 -17.52 28.00 -25.80
CA ASN A 82 -17.69 29.25 -26.54
C ASN A 82 -16.51 29.39 -27.45
N VAL A 83 -16.79 29.60 -28.75
CA VAL A 83 -15.71 29.71 -29.74
C VAL A 83 -15.72 31.08 -30.41
N SER A 84 -14.54 31.64 -30.67
CA SER A 84 -14.42 32.87 -31.44
C SER A 84 -13.66 32.63 -32.75
N ALA A 85 -14.00 33.41 -33.78
CA ALA A 85 -13.20 33.48 -34.99
C ALA A 85 -12.84 34.92 -35.18
N THR A 86 -11.55 35.18 -35.25
CA THR A 86 -11.02 36.52 -35.35
C THR A 86 -10.39 36.66 -36.73
N ASP A 87 -10.77 37.64 -37.54
CA ASP A 87 -10.07 37.84 -38.82
C ASP A 87 -8.62 38.35 -38.63
N GLY A 88 -7.81 38.21 -39.67
CA GLY A 88 -6.35 38.20 -39.56
C GLY A 88 -5.71 39.54 -39.75
N ALA A 89 -6.52 40.57 -39.93
CA ALA A 89 -6.01 41.92 -40.08
C ALA A 89 -6.72 42.81 -39.07
N PRO A 90 -6.09 43.95 -38.72
CA PRO A 90 -6.79 45.03 -38.02
C PRO A 90 -8.16 45.33 -38.65
N PRO A 91 -9.20 45.53 -37.84
CA PRO A 91 -9.15 45.59 -36.36
C PRO A 91 -9.46 44.24 -35.65
N PHE A 92 -9.21 43.13 -36.32
CA PHE A 92 -9.40 41.79 -35.74
C PHE A 92 -10.85 41.56 -35.34
N ASN A 93 -11.74 41.70 -36.32
CA ASN A 93 -13.18 41.59 -36.04
C ASN A 93 -13.45 40.16 -35.63
N GLN A 94 -14.36 39.97 -34.68
CA GLN A 94 -14.66 38.64 -34.18
C GLN A 94 -16.05 38.19 -34.59
N GLY A 95 -16.20 36.86 -34.65
CA GLY A 95 -17.49 36.18 -34.80
C GLY A 95 -17.61 35.10 -33.73
N PHE A 96 -18.83 34.61 -33.47
CA PHE A 96 -19.05 33.78 -32.27
C PHE A 96 -20.03 32.66 -32.53
N CYS A 97 -19.79 31.53 -31.87
CA CYS A 97 -20.75 30.41 -31.80
C CYS A 97 -20.54 29.68 -30.47
N SER A 98 -21.35 28.67 -30.21
CA SER A 98 -21.01 27.71 -29.16
C SER A 98 -21.05 26.29 -29.66
N VAL A 99 -20.50 25.36 -28.89
CA VAL A 99 -20.41 23.97 -29.30
C VAL A 99 -20.90 23.09 -28.16
N TYR A 100 -21.95 22.31 -28.42
CA TYR A 100 -22.61 21.51 -27.40
C TYR A 100 -22.15 20.08 -27.63
N VAL A 101 -21.43 19.54 -26.63
CA VAL A 101 -21.04 18.12 -26.64
C VAL A 101 -21.73 17.38 -25.51
N THR A 102 -22.48 16.32 -25.83
CA THR A 102 -23.02 15.40 -24.83
C THR A 102 -22.34 14.04 -24.97
N LEU A 103 -22.18 13.36 -23.85
CA LEU A 103 -21.41 12.13 -23.78
C LEU A 103 -22.31 10.89 -23.71
N LEU A 104 -21.83 9.80 -24.27
CA LEU A 104 -22.54 8.53 -24.26
C LEU A 104 -21.99 7.73 -23.08
N ASN A 105 -22.84 7.44 -22.10
CA ASN A 105 -22.46 6.53 -21.01
C ASN A 105 -22.11 5.16 -21.57
N GLU A 106 -20.92 4.69 -21.25
CA GLU A 106 -20.51 3.35 -21.60
C GLU A 106 -20.13 2.63 -20.33
N LEU A 107 -20.05 1.31 -20.42
CA LEU A 107 -19.74 0.47 -19.27
C LEU A 107 -18.24 0.49 -18.99
N ASP A 108 -17.82 1.44 -18.17
CA ASP A 108 -16.42 1.65 -17.79
C ASP A 108 -16.19 1.83 -16.28
N GLU A 109 -17.16 1.44 -15.46
CA GLU A 109 -17.06 1.69 -14.02
C GLU A 109 -17.38 0.43 -13.23
N ALA A 110 -17.07 0.47 -11.93
CA ALA A 110 -17.20 -0.68 -11.06
C ALA A 110 -18.63 -0.84 -10.55
N VAL A 111 -18.79 -1.34 -9.32
CA VAL A 111 -20.09 -1.70 -8.78
C VAL A 111 -20.07 -1.46 -7.28
N GLN A 112 -21.17 -0.93 -6.72
CA GLN A 112 -21.33 -0.80 -5.27
C GLN A 112 -22.28 -1.87 -4.71
N PHE A 113 -22.05 -2.28 -3.46
CA PHE A 113 -22.92 -3.21 -2.74
C PHE A 113 -23.87 -2.46 -1.82
N SER A 114 -24.89 -3.14 -1.30
CA SER A 114 -25.89 -2.50 -0.45
C SER A 114 -25.43 -2.35 1.01
N ASN A 115 -24.32 -2.98 1.39
CA ASN A 115 -23.67 -2.73 2.68
C ASN A 115 -22.18 -3.00 2.62
N ALA A 116 -21.54 -2.74 3.75
CA ALA A 116 -20.11 -2.92 3.94
C ALA A 116 -19.77 -4.39 3.94
N SER A 117 -20.62 -5.20 4.52
CA SER A 117 -20.42 -6.65 4.55
C SER A 117 -21.79 -7.27 4.70
N TYR A 118 -21.87 -8.59 4.84
CA TYR A 118 -23.11 -9.26 5.22
C TYR A 118 -22.87 -10.26 6.36
N GLU A 119 -23.95 -10.58 7.10
CA GLU A 119 -23.91 -11.48 8.24
C GLU A 119 -25.12 -12.39 8.28
N ALA A 120 -24.89 -13.62 8.74
CA ALA A 120 -25.99 -14.54 8.99
C ALA A 120 -25.67 -15.43 10.17
N VAL A 121 -26.63 -15.59 11.07
CA VAL A 121 -26.48 -16.52 12.16
C VAL A 121 -27.48 -17.65 11.89
N ILE A 122 -26.99 -18.88 11.81
CA ILE A 122 -27.83 -20.06 11.56
C ILE A 122 -27.62 -21.20 12.55
N MET A 123 -28.51 -22.16 12.52
CA MET A 123 -28.43 -23.34 13.36
C MET A 123 -27.98 -24.53 12.52
N GLU A 124 -27.37 -25.50 13.21
CA GLU A 124 -26.95 -26.77 12.58
C GLU A 124 -28.11 -27.44 11.89
N ASN A 125 -27.77 -28.27 10.91
CA ASN A 125 -28.75 -29.11 10.22
C ASN A 125 -29.89 -28.29 9.66
N LEU A 126 -29.55 -27.13 9.12
CA LEU A 126 -30.54 -26.34 8.43
C LEU A 126 -30.98 -27.04 7.16
N ALA A 127 -32.26 -26.91 6.86
CA ALA A 127 -32.85 -27.59 5.71
C ALA A 127 -32.23 -27.05 4.44
N LEU A 128 -32.17 -27.90 3.42
CA LEU A 128 -31.56 -27.55 2.15
C LEU A 128 -32.43 -26.50 1.47
N GLY A 129 -31.79 -25.51 0.86
CA GLY A 129 -32.48 -24.45 0.17
C GLY A 129 -33.12 -23.38 1.06
N THR A 130 -32.75 -23.35 2.35
CA THR A 130 -33.11 -22.24 3.22
C THR A 130 -32.32 -20.98 2.84
N GLU A 131 -33.02 -19.84 2.73
CA GLU A 131 -32.36 -18.59 2.42
C GLU A 131 -31.67 -18.03 3.67
N ILE A 132 -30.39 -17.68 3.50
CA ILE A 132 -29.51 -17.29 4.61
C ILE A 132 -29.36 -15.77 4.72
N VAL A 133 -29.10 -15.15 3.58
CA VAL A 133 -28.90 -13.70 3.46
C VAL A 133 -28.86 -13.40 1.95
N ARG A 134 -28.97 -12.12 1.60
CA ARG A 134 -28.93 -11.76 0.19
C ARG A 134 -27.94 -10.65 -0.12
N VAL A 135 -27.03 -10.94 -1.05
CA VAL A 135 -26.06 -9.93 -1.51
C VAL A 135 -26.70 -9.27 -2.70
N GLN A 136 -26.63 -7.94 -2.72
CA GLN A 136 -27.22 -7.13 -3.76
C GLN A 136 -26.23 -6.02 -4.08
N ALA A 137 -26.07 -5.76 -5.37
CA ALA A 137 -25.10 -4.80 -5.84
C ALA A 137 -25.66 -4.02 -7.04
N TYR A 138 -25.07 -2.85 -7.28
CA TYR A 138 -25.68 -1.82 -8.11
C TYR A 138 -24.63 -1.23 -9.04
N ASP A 139 -24.74 -1.58 -10.31
CA ASP A 139 -23.81 -1.11 -11.32
C ASP A 139 -23.72 0.42 -11.28
N ILE A 140 -22.53 0.91 -10.94
CA ILE A 140 -22.26 2.35 -10.98
C ILE A 140 -22.68 2.95 -12.30
N ASP A 141 -22.37 2.27 -13.41
CA ASP A 141 -22.71 2.76 -14.76
C ASP A 141 -24.20 2.91 -15.04
N ASN A 142 -25.03 2.19 -14.27
CA ASN A 142 -26.48 2.20 -14.43
C ASN A 142 -26.91 1.68 -15.80
N LEU A 143 -26.15 0.72 -16.34
CA LEU A 143 -26.47 0.05 -17.59
C LEU A 143 -26.89 -1.41 -17.38
N ASN A 144 -26.12 -2.16 -16.59
CA ASN A 144 -26.28 -3.61 -16.49
C ASN A 144 -26.77 -4.13 -15.13
N GLN A 145 -27.31 -5.33 -15.15
CA GLN A 145 -27.61 -6.04 -13.94
C GLN A 145 -26.41 -6.91 -13.52
N ILE A 146 -26.29 -7.05 -12.21
CA ILE A 146 -25.21 -7.76 -11.60
C ILE A 146 -25.43 -9.28 -11.69
N THR A 147 -24.34 -10.01 -11.81
CA THR A 147 -24.34 -11.48 -11.62
C THR A 147 -23.41 -11.88 -10.47
N TYR A 148 -23.85 -12.78 -9.61
CA TYR A 148 -23.14 -13.07 -8.37
C TYR A 148 -22.52 -14.46 -8.41
N ARG A 149 -21.31 -14.56 -7.89
CA ARG A 149 -20.64 -15.85 -7.67
C ARG A 149 -19.65 -15.79 -6.50
N PHE A 150 -19.32 -16.94 -5.95
CA PHE A 150 -18.24 -17.01 -4.98
C PHE A 150 -16.92 -16.96 -5.71
N ASP A 151 -15.96 -16.31 -5.08
CA ASP A 151 -14.68 -16.09 -5.68
C ASP A 151 -13.87 -17.40 -5.65
N ALA A 152 -12.80 -17.37 -6.44
CA ALA A 152 -11.92 -18.53 -6.65
C ALA A 152 -11.33 -19.07 -5.37
N TYR A 153 -11.05 -18.16 -4.42
CA TYR A 153 -10.33 -18.55 -3.19
C TYR A 153 -11.26 -19.00 -2.09
N THR A 154 -12.57 -18.95 -2.34
CA THR A 154 -13.53 -19.49 -1.38
C THR A 154 -13.37 -21.02 -1.31
N SER A 155 -13.36 -21.58 -0.11
CA SER A 155 -12.92 -22.97 0.09
C SER A 155 -13.88 -24.00 -0.54
N ALA A 156 -13.35 -25.15 -0.97
CA ALA A 156 -14.16 -26.33 -1.38
C ALA A 156 -15.25 -26.67 -0.35
N GLN A 157 -14.83 -26.76 0.91
CA GLN A 157 -15.73 -27.06 2.02
C GLN A 157 -16.94 -26.11 2.02
N ALA A 158 -16.68 -24.81 1.86
CA ALA A 158 -17.77 -23.82 1.90
C ALA A 158 -18.51 -23.72 0.56
N LYS A 159 -17.87 -24.11 -0.53
CA LYS A 159 -18.60 -24.29 -1.80
C LYS A 159 -19.53 -25.49 -1.76
N ALA A 160 -19.18 -26.50 -0.97
CA ALA A 160 -20.09 -27.66 -0.78
C ALA A 160 -21.31 -27.34 0.08
N LEU A 161 -21.15 -26.39 1.02
CA LEU A 161 -22.22 -26.11 1.98
C LEU A 161 -23.17 -25.02 1.54
N PHE A 162 -22.68 -24.02 0.81
CA PHE A 162 -23.51 -22.88 0.36
C PHE A 162 -23.50 -22.69 -1.15
N LYS A 163 -24.54 -22.05 -1.63
CA LYS A 163 -24.69 -21.75 -3.03
C LYS A 163 -25.27 -20.35 -3.10
N ILE A 164 -24.73 -19.50 -3.95
CA ILE A 164 -25.36 -18.23 -4.26
C ILE A 164 -26.08 -18.29 -5.60
N ASP A 165 -27.20 -17.60 -5.68
CA ASP A 165 -27.92 -17.45 -6.94
C ASP A 165 -27.21 -16.43 -7.83
N ALA A 166 -26.93 -16.81 -9.06
CA ALA A 166 -26.20 -15.94 -10.00
C ALA A 166 -27.00 -14.70 -10.43
N ILE A 167 -28.32 -14.69 -10.19
CA ILE A 167 -29.17 -13.56 -10.54
C ILE A 167 -29.55 -12.78 -9.30
N THR A 168 -30.18 -13.43 -8.33
CA THR A 168 -30.72 -12.72 -7.18
C THR A 168 -29.64 -12.37 -6.17
N GLY A 169 -28.52 -13.09 -6.19
CA GLY A 169 -27.51 -12.93 -5.15
C GLY A 169 -27.94 -13.48 -3.79
N VAL A 170 -28.96 -14.33 -3.79
CA VAL A 170 -29.43 -14.97 -2.57
C VAL A 170 -28.54 -16.16 -2.28
N ILE A 171 -28.02 -16.23 -1.06
CA ILE A 171 -27.21 -17.35 -0.64
C ILE A 171 -28.16 -18.32 0.07
N THR A 172 -28.05 -19.61 -0.28
CA THR A 172 -28.91 -20.67 0.29
C THR A 172 -28.07 -21.79 0.87
N VAL A 173 -28.71 -22.67 1.64
CA VAL A 173 -28.03 -23.87 2.13
C VAL A 173 -28.05 -24.96 1.05
N LYS A 174 -26.86 -25.42 0.71
CA LYS A 174 -26.61 -26.36 -0.36
C LYS A 174 -26.42 -27.75 0.22
N GLY A 175 -25.59 -27.86 1.26
CA GLY A 175 -25.33 -29.10 1.96
C GLY A 175 -25.62 -28.99 3.46
N LEU A 176 -25.13 -29.96 4.24
CA LEU A 176 -25.46 -30.03 5.67
C LEU A 176 -24.43 -29.35 6.52
N VAL A 177 -24.83 -28.26 7.18
CA VAL A 177 -23.94 -27.59 8.14
C VAL A 177 -23.91 -28.33 9.47
N ASP A 178 -22.74 -28.92 9.74
CA ASP A 178 -22.44 -29.60 10.98
C ASP A 178 -21.44 -28.70 11.73
N ARG A 179 -21.79 -28.36 12.96
CA ARG A 179 -20.97 -27.49 13.84
C ARG A 179 -19.52 -27.99 13.99
N GLU A 180 -19.37 -29.27 14.28
CA GLU A 180 -18.06 -29.87 14.53
C GLU A 180 -17.13 -29.76 13.31
N LYS A 181 -17.69 -29.64 12.10
CA LYS A 181 -16.91 -29.48 10.86
C LYS A 181 -16.55 -28.01 10.58
N GLY A 182 -17.37 -27.09 11.07
CA GLY A 182 -17.14 -25.66 10.88
C GLY A 182 -18.27 -24.89 11.49
N ASP A 183 -17.95 -23.98 12.41
CA ASP A 183 -18.97 -23.15 13.05
C ASP A 183 -19.03 -21.72 12.47
N PHE A 184 -18.09 -21.36 11.61
CA PHE A 184 -18.03 -20.02 11.06
C PHE A 184 -17.38 -19.99 9.66
N TYR A 185 -17.95 -19.26 8.72
CA TYR A 185 -17.41 -19.21 7.37
C TYR A 185 -17.32 -17.77 6.90
N THR A 186 -16.20 -17.42 6.27
CA THR A 186 -16.06 -16.13 5.63
C THR A 186 -16.07 -16.34 4.13
N LEU A 187 -17.19 -16.01 3.49
CA LEU A 187 -17.32 -16.10 2.01
C LEU A 187 -17.00 -14.76 1.34
N THR A 188 -16.45 -14.82 0.14
CA THR A 188 -16.13 -13.63 -0.65
C THR A 188 -16.93 -13.66 -1.95
N VAL A 189 -17.86 -12.73 -2.09
CA VAL A 189 -18.77 -12.75 -3.26
C VAL A 189 -18.30 -11.73 -4.29
N VAL A 190 -18.24 -12.14 -5.54
CA VAL A 190 -17.95 -11.22 -6.62
C VAL A 190 -19.24 -10.82 -7.31
N ALA A 191 -19.34 -9.52 -7.58
CA ALA A 191 -20.43 -8.94 -8.38
C ALA A 191 -19.87 -8.49 -9.73
N ASP A 192 -20.29 -9.19 -10.78
CA ASP A 192 -19.80 -8.91 -12.14
C ASP A 192 -20.85 -8.10 -12.91
N ASP A 193 -20.42 -7.02 -13.54
CA ASP A 193 -21.35 -6.16 -14.30
C ASP A 193 -21.26 -6.39 -15.81
N GLY A 194 -20.39 -7.33 -16.19
CA GLY A 194 -20.05 -7.53 -17.61
C GLY A 194 -19.02 -6.54 -18.12
N GLY A 195 -18.35 -5.86 -17.20
CA GLY A 195 -17.49 -4.75 -17.54
C GLY A 195 -16.02 -5.12 -17.49
N PRO A 196 -15.16 -4.09 -17.59
CA PRO A 196 -13.71 -4.21 -17.48
C PRO A 196 -13.17 -4.43 -16.03
N LYS A 197 -13.74 -3.71 -15.07
CA LYS A 197 -12.99 -3.38 -13.85
C LYS A 197 -12.41 -4.56 -13.07
N VAL A 198 -11.35 -4.28 -12.30
CA VAL A 198 -10.90 -5.15 -11.21
C VAL A 198 -12.09 -5.44 -10.33
N ASP A 199 -12.20 -6.70 -9.95
CA ASP A 199 -13.39 -7.30 -9.42
C ASP A 199 -13.85 -6.58 -8.15
N SER A 200 -15.14 -6.28 -8.09
CA SER A 200 -15.76 -5.74 -6.88
C SER A 200 -16.25 -6.88 -5.99
N THR A 201 -15.73 -6.95 -4.76
CA THR A 201 -16.07 -8.03 -3.85
C THR A 201 -16.56 -7.51 -2.51
N VAL A 202 -17.30 -8.38 -1.83
CA VAL A 202 -17.78 -8.14 -0.47
C VAL A 202 -17.65 -9.42 0.36
N LYS A 203 -17.50 -9.28 1.67
CA LYS A 203 -17.50 -10.41 2.62
C LYS A 203 -18.89 -10.78 3.08
N VAL A 204 -19.15 -12.08 3.21
CA VAL A 204 -20.30 -12.62 3.92
C VAL A 204 -19.80 -13.48 5.08
N TYR A 205 -20.20 -13.15 6.30
CA TYR A 205 -19.75 -13.87 7.50
C TYR A 205 -20.87 -14.73 8.08
N ILE A 206 -20.74 -16.05 7.98
CA ILE A 206 -21.82 -16.93 8.41
C ILE A 206 -21.45 -17.67 9.68
N THR A 207 -22.31 -17.57 10.69
CA THR A 207 -22.07 -18.19 11.99
C THR A 207 -23.07 -19.34 12.19
N VAL A 208 -22.65 -20.45 12.78
CA VAL A 208 -23.47 -21.65 12.98
C VAL A 208 -23.64 -21.92 14.48
N LEU A 209 -24.85 -22.24 14.93
CA LEU A 209 -25.02 -22.47 16.37
C LEU A 209 -25.34 -23.90 16.71
N ASP A 210 -25.02 -24.28 17.95
CA ASP A 210 -25.34 -25.57 18.50
C ASP A 210 -26.77 -25.96 18.23
N ASN B 2 -8.67 -24.60 20.76
CA ASN B 2 -9.75 -24.06 19.90
C ASN B 2 -9.16 -23.89 18.52
N ASP B 3 -9.99 -24.00 17.48
CA ASP B 3 -9.62 -23.80 16.07
C ASP B 3 -8.40 -22.91 15.83
N GLU B 4 -8.38 -21.65 16.27
CA GLU B 4 -7.21 -20.80 16.00
C GLU B 4 -6.80 -19.87 17.12
N ALA B 5 -5.56 -19.42 17.05
CA ALA B 5 -5.03 -18.50 18.05
C ALA B 5 -5.05 -17.09 17.48
N PRO B 6 -5.00 -16.10 18.38
CA PRO B 6 -5.03 -14.68 17.97
C PRO B 6 -3.76 -14.28 17.24
N VAL B 7 -3.93 -13.48 16.22
CA VAL B 7 -2.80 -12.87 15.51
C VAL B 7 -2.99 -11.36 15.58
N PHE B 8 -1.98 -10.64 16.10
CA PHE B 8 -1.97 -9.18 16.08
C PHE B 8 -1.91 -8.67 14.65
N THR B 9 -2.40 -7.45 14.42
CA THR B 9 -2.31 -6.85 13.07
C THR B 9 -0.90 -6.41 12.71
N GLN B 10 0.00 -6.30 13.70
CA GLN B 10 1.41 -6.02 13.44
C GLN B 10 2.33 -6.81 14.37
N GLN B 11 3.50 -7.21 13.87
CA GLN B 11 4.52 -7.93 14.65
C GLN B 11 5.21 -7.03 15.66
N GLN B 12 5.66 -5.85 15.22
CA GLN B 12 6.11 -4.78 16.11
C GLN B 12 5.27 -3.54 15.82
N TYR B 13 4.60 -3.02 16.85
CA TYR B 13 3.96 -1.71 16.74
C TYR B 13 4.97 -0.62 17.09
N ASN B 14 4.73 0.57 16.54
CA ASN B 14 5.64 1.71 16.71
C ASN B 14 4.93 2.95 17.15
N ARG B 15 5.40 3.50 18.27
CA ARG B 15 5.08 4.88 18.62
C ARG B 15 6.36 5.71 18.82
N LEU B 16 6.62 6.61 17.88
CA LEU B 16 7.85 7.40 17.86
C LEU B 16 7.56 8.84 18.30
N GLY B 17 8.42 9.39 19.12
CA GLY B 17 8.32 10.80 19.48
C GLY B 17 7.20 11.12 20.46
N LEU B 18 6.96 10.19 21.37
CA LEU B 18 6.07 10.43 22.49
C LEU B 18 6.75 11.45 23.39
N ARG B 19 6.03 12.54 23.66
CA ARG B 19 6.58 13.63 24.43
C ARG B 19 6.91 13.12 25.85
N GLU B 20 8.16 13.30 26.28
CA GLU B 20 8.58 12.75 27.60
C GLU B 20 7.80 13.37 28.75
N THR B 21 7.33 14.61 28.57
CA THR B 21 6.51 15.27 29.60
C THR B 21 5.03 14.96 29.49
N ALA B 22 4.66 13.98 28.67
CA ALA B 22 3.27 13.57 28.57
C ALA B 22 2.67 13.20 29.95
N GLY B 23 1.39 13.53 30.13
CA GLY B 23 0.71 13.31 31.37
C GLY B 23 0.23 11.87 31.55
N ILE B 24 -0.21 11.55 32.76
CA ILE B 24 -0.62 10.21 33.08
C ILE B 24 -1.99 9.92 32.44
N GLY B 25 -2.16 8.71 31.90
CA GLY B 25 -3.33 8.38 31.08
C GLY B 25 -3.24 8.75 29.60
N THR B 26 -2.08 9.18 29.12
CA THR B 26 -1.95 9.57 27.72
C THR B 26 -2.00 8.35 26.84
N SER B 27 -2.73 8.43 25.74
CA SER B 27 -2.80 7.32 24.80
C SER B 27 -1.45 7.12 24.11
N VAL B 28 -0.96 5.89 24.15
CA VAL B 28 0.35 5.55 23.60
C VAL B 28 0.21 4.91 22.21
N ILE B 29 -0.52 3.80 22.14
CA ILE B 29 -0.85 3.17 20.86
C ILE B 29 -1.91 2.10 21.12
N VAL B 30 -2.71 1.77 20.10
CA VAL B 30 -3.71 0.71 20.23
C VAL B 30 -3.28 -0.57 19.49
N VAL B 31 -3.27 -1.67 20.24
CA VAL B 31 -2.99 -2.98 19.63
C VAL B 31 -4.30 -3.69 19.31
N ARG B 32 -4.20 -4.68 18.44
CA ARG B 32 -5.37 -5.43 18.03
C ARG B 32 -4.96 -6.81 17.50
N ALA B 33 -5.55 -7.84 18.11
CA ALA B 33 -5.36 -9.21 17.67
C ALA B 33 -6.69 -9.80 17.34
N THR B 34 -6.77 -10.37 16.15
CA THR B 34 -8.01 -10.94 15.65
C THR B 34 -7.97 -12.45 15.81
N ASP B 35 -9.12 -13.00 16.18
CA ASP B 35 -9.35 -14.44 16.38
C ASP B 35 -10.77 -14.67 15.83
N LYS B 36 -10.92 -15.60 14.91
CA LYS B 36 -12.20 -15.75 14.21
C LYS B 36 -12.97 -16.96 14.66
N ASP B 37 -12.54 -17.58 15.77
CA ASP B 37 -13.36 -18.58 16.43
C ASP B 37 -14.60 -17.93 16.99
N THR B 38 -15.71 -18.67 16.96
CA THR B 38 -16.96 -18.21 17.56
C THR B 38 -16.91 -18.32 19.07
N GLY B 39 -17.89 -17.67 19.69
CA GLY B 39 -18.03 -17.71 21.15
C GLY B 39 -16.74 -17.29 21.83
N ASP B 40 -16.43 -17.91 22.96
CA ASP B 40 -15.34 -17.44 23.80
C ASP B 40 -13.94 -17.69 23.24
N GLY B 41 -13.84 -18.66 22.34
CA GLY B 41 -12.64 -18.92 21.60
C GLY B 41 -12.16 -17.82 20.69
N GLY B 42 -13.02 -16.83 20.39
CA GLY B 42 -12.60 -15.68 19.53
C GLY B 42 -12.44 -14.33 20.24
N LEU B 43 -12.48 -14.36 21.56
CA LEU B 43 -12.41 -13.18 22.41
C LEU B 43 -11.08 -13.21 23.12
N VAL B 44 -10.35 -12.13 22.91
CA VAL B 44 -8.99 -12.07 23.33
C VAL B 44 -8.79 -11.11 24.49
N ASN B 45 -7.86 -11.46 25.38
CA ASN B 45 -7.49 -10.61 26.51
C ASN B 45 -6.08 -10.10 26.37
N TYR B 46 -5.89 -8.80 26.49
CA TYR B 46 -4.62 -8.17 26.26
C TYR B 46 -3.80 -7.96 27.54
N ARG B 47 -2.48 -8.14 27.40
CA ARG B 47 -1.59 -8.11 28.55
C ARG B 47 -0.14 -7.78 28.15
N ILE B 48 0.54 -6.97 28.94
CA ILE B 48 1.98 -6.73 28.78
C ILE B 48 2.77 -7.72 29.64
N LEU B 49 3.67 -8.50 29.03
CA LEU B 49 4.46 -9.52 29.74
C LEU B 49 5.81 -9.01 30.20
N SER B 50 6.36 -8.01 29.51
CA SER B 50 7.61 -7.39 29.93
C SER B 50 7.83 -6.02 29.29
N GLY B 51 8.66 -5.19 29.93
CA GLY B 51 9.32 -4.08 29.22
C GLY B 51 8.70 -2.73 29.50
N ALA B 52 7.58 -2.69 30.20
CA ALA B 52 6.92 -1.43 30.47
C ALA B 52 7.53 -0.73 31.67
N GLU B 53 8.21 -1.48 32.52
CA GLU B 53 8.93 -0.94 33.69
C GLU B 53 8.11 0.06 34.52
N GLY B 54 6.84 -0.26 34.77
CA GLY B 54 5.99 0.54 35.67
C GLY B 54 5.46 1.85 35.10
N LYS B 55 5.70 2.10 33.81
CA LYS B 55 5.26 3.33 33.11
C LYS B 55 4.03 3.14 32.23
N PHE B 56 3.73 1.91 31.82
CA PHE B 56 2.58 1.68 30.93
C PHE B 56 1.66 0.55 31.40
N GLU B 57 0.41 0.67 31.00
CA GLU B 57 -0.61 -0.30 31.33
C GLU B 57 -1.52 -0.46 30.12
N ILE B 58 -1.91 -1.70 29.87
CA ILE B 58 -2.77 -2.02 28.72
C ILE B 58 -4.17 -2.36 29.21
N ASP B 59 -5.17 -1.93 28.44
CA ASP B 59 -6.54 -2.33 28.76
C ASP B 59 -6.73 -3.72 28.27
N GLU B 60 -7.20 -4.62 29.14
CA GLU B 60 -7.30 -6.06 28.75
C GLU B 60 -8.15 -6.34 27.57
N SER B 61 -9.12 -5.46 27.45
CA SER B 61 -10.23 -5.66 26.59
C SER B 61 -10.12 -4.75 25.35
N THR B 62 -9.73 -3.50 25.57
CA THR B 62 -9.59 -2.52 24.51
C THR B 62 -8.31 -2.68 23.74
N GLY B 63 -7.24 -3.05 24.43
CA GLY B 63 -5.93 -3.17 23.79
C GLY B 63 -5.24 -1.83 23.65
N LEU B 64 -5.78 -0.79 24.28
CA LEU B 64 -5.15 0.50 24.29
C LEU B 64 -4.10 0.50 25.37
N ILE B 65 -2.91 1.00 25.02
CA ILE B 65 -1.85 1.24 26.01
C ILE B 65 -1.80 2.73 26.39
N VAL B 66 -1.72 3.01 27.69
CA VAL B 66 -1.67 4.39 28.23
C VAL B 66 -0.56 4.49 29.24
N THR B 67 -0.15 5.70 29.57
CA THR B 67 0.93 5.85 30.55
C THR B 67 0.34 5.76 31.96
N VAL B 68 1.15 5.36 32.93
CA VAL B 68 0.71 5.24 34.32
C VAL B 68 1.59 5.90 35.37
N ASP B 69 2.80 6.38 35.02
CA ASP B 69 3.40 7.54 35.73
C ASP B 69 4.27 8.34 34.79
N TYR B 70 5.18 9.17 35.30
CA TYR B 70 5.84 10.12 34.44
C TYR B 70 6.96 9.40 33.65
N LEU B 71 7.27 9.98 32.50
CA LEU B 71 8.38 9.52 31.67
C LEU B 71 9.54 10.47 31.82
N ASP B 72 10.72 10.01 31.39
CA ASP B 72 11.92 10.82 31.43
C ASP B 72 12.91 10.40 30.33
N TYR B 73 13.11 11.28 29.34
CA TYR B 73 14.10 11.06 28.30
C TYR B 73 15.48 10.82 28.87
N GLU B 74 15.82 11.62 29.87
CA GLU B 74 17.13 11.58 30.52
C GLU B 74 17.35 10.34 31.40
N THR B 75 16.31 9.59 31.74
CA THR B 75 16.47 8.29 32.43
C THR B 75 16.30 7.08 31.49
N LYS B 76 15.37 7.18 30.53
CA LYS B 76 15.23 6.09 29.55
C LYS B 76 14.59 6.62 28.26
N THR B 77 15.32 6.46 27.17
CA THR B 77 14.97 7.09 25.89
C THR B 77 13.94 6.30 25.08
N SER B 78 13.88 4.99 25.32
CA SER B 78 12.93 4.14 24.61
C SER B 78 12.57 2.85 25.38
N TYR B 79 11.42 2.27 25.02
CA TYR B 79 10.81 1.11 25.68
C TYR B 79 10.48 0.06 24.62
N LEU B 80 10.69 -1.21 24.94
CA LEU B 80 10.24 -2.31 24.07
C LEU B 80 9.40 -3.32 24.86
N MET B 81 8.08 -3.24 24.68
CA MET B 81 7.15 -3.98 25.55
C MET B 81 6.68 -5.21 24.84
N ASN B 82 6.54 -6.32 25.57
CA ASN B 82 6.08 -7.59 24.99
C ASN B 82 4.66 -7.77 25.37
N VAL B 83 3.79 -7.96 24.36
CA VAL B 83 2.34 -8.04 24.62
C VAL B 83 1.79 -9.40 24.17
N SER B 84 0.87 -9.94 24.95
CA SER B 84 0.18 -11.18 24.59
C SER B 84 -1.33 -10.95 24.41
N ALA B 85 -1.93 -11.75 23.53
CA ALA B 85 -3.37 -11.81 23.41
C ALA B 85 -3.75 -13.25 23.58
N THR B 86 -4.58 -13.52 24.57
CA THR B 86 -4.95 -14.86 24.95
C THR B 86 -6.44 -15.03 24.66
N ASP B 87 -6.85 -16.01 23.86
CA ASP B 87 -8.30 -16.22 23.66
C ASP B 87 -9.01 -16.74 24.93
N GLY B 88 -10.34 -16.66 24.93
CA GLY B 88 -11.14 -16.66 26.14
C GLY B 88 -11.64 -18.04 26.54
N ALA B 89 -11.26 -19.06 25.80
CA ALA B 89 -11.64 -20.42 26.13
C ALA B 89 -10.40 -21.29 26.22
N PRO B 90 -10.47 -22.40 26.97
CA PRO B 90 -9.47 -23.46 26.89
C PRO B 90 -9.11 -23.81 25.44
N PRO B 91 -7.84 -23.98 25.11
CA PRO B 91 -6.71 -23.97 26.04
C PRO B 91 -5.99 -22.60 26.19
N PHE B 92 -6.69 -21.50 25.93
CA PHE B 92 -6.16 -20.15 26.09
C PHE B 92 -4.99 -19.91 25.17
N ASN B 93 -5.23 -20.07 23.88
CA ASN B 93 -4.15 -19.96 22.88
C ASN B 93 -3.68 -18.52 22.90
N GLN B 94 -2.37 -18.31 22.74
CA GLN B 94 -1.81 -16.98 22.79
C GLN B 94 -1.29 -16.53 21.44
N GLY B 95 -1.27 -15.20 21.27
CA GLY B 95 -0.58 -14.52 20.16
C GLY B 95 0.35 -13.45 20.73
N PHE B 96 1.31 -12.99 19.94
CA PHE B 96 2.38 -12.15 20.47
C PHE B 96 2.79 -11.04 19.53
N CYS B 97 3.15 -9.89 20.10
CA CYS B 97 3.77 -8.78 19.38
C CYS B 97 4.71 -8.03 20.35
N SER B 98 5.42 -7.03 19.85
CA SER B 98 6.04 -6.06 20.74
C SER B 98 5.62 -4.64 20.40
N VAL B 99 5.90 -3.73 21.30
CA VAL B 99 5.57 -2.33 21.10
C VAL B 99 6.80 -1.47 21.36
N TYR B 100 7.23 -0.73 20.35
CA TYR B 100 8.46 0.08 20.44
C TYR B 100 8.00 1.52 20.65
N VAL B 101 8.36 2.06 21.81
CA VAL B 101 8.11 3.48 22.11
C VAL B 101 9.45 4.22 22.23
N THR B 102 9.65 5.27 21.43
CA THR B 102 10.76 6.20 21.62
C THR B 102 10.23 7.56 22.08
N LEU B 103 11.02 8.22 22.92
CA LEU B 103 10.59 9.45 23.57
C LEU B 103 11.22 10.68 22.90
N LEU B 104 10.47 11.77 22.91
CA LEU B 104 10.92 13.04 22.37
C LEU B 104 11.51 13.83 23.55
N ASN B 105 12.79 14.13 23.48
CA ASN B 105 13.42 15.01 24.45
C ASN B 105 12.77 16.39 24.40
N GLU B 106 12.30 16.84 25.54
CA GLU B 106 11.76 18.17 25.67
C GLU B 106 12.53 18.90 26.75
N LEU B 107 12.39 20.22 26.75
CA LEU B 107 13.11 21.05 27.69
C LEU B 107 12.45 21.03 29.06
N ASP B 108 12.90 20.07 29.88
CA ASP B 108 12.36 19.87 31.23
C ASP B 108 13.44 19.70 32.31
N GLU B 109 14.68 20.09 32.02
CA GLU B 109 15.79 19.85 32.94
C GLU B 109 16.60 21.12 33.13
N ALA B 110 17.47 21.10 34.14
CA ALA B 110 18.24 22.28 34.53
C ALA B 110 19.49 22.44 33.64
N VAL B 111 20.59 22.95 34.21
CA VAL B 111 21.79 23.31 33.48
C VAL B 111 23.00 23.09 34.36
N GLN B 112 24.09 22.56 33.80
CA GLN B 112 25.37 22.44 34.54
C GLN B 112 26.38 23.49 34.10
N PHE B 113 27.23 23.91 35.03
CA PHE B 113 28.33 24.86 34.75
C PHE B 113 29.64 24.11 34.54
N SER B 114 30.64 24.80 34.01
CA SER B 114 31.94 24.17 33.73
C SER B 114 32.84 24.02 34.96
N ASN B 115 32.47 24.66 36.07
CA ASN B 115 33.12 24.44 37.37
C ASN B 115 32.17 24.71 38.52
N ALA B 116 32.69 24.47 39.72
CA ALA B 116 31.95 24.68 40.96
C ALA B 116 31.75 26.17 41.19
N SER B 117 32.77 26.95 40.86
CA SER B 117 32.73 28.37 41.07
C SER B 117 33.68 29.00 40.07
N TYR B 118 33.83 30.32 40.12
CA TYR B 118 34.82 31.01 39.30
C TYR B 118 35.58 32.05 40.14
N GLU B 119 36.77 32.46 39.67
CA GLU B 119 37.67 33.33 40.44
C GLU B 119 38.39 34.31 39.55
N ALA B 120 38.58 35.53 40.04
CA ALA B 120 39.37 36.52 39.29
C ALA B 120 40.08 37.45 40.25
N VAL B 121 41.35 37.72 39.97
CA VAL B 121 42.08 38.73 40.72
C VAL B 121 42.32 39.87 39.74
N ILE B 122 41.89 41.07 40.11
CA ILE B 122 42.06 42.26 39.27
C ILE B 122 42.75 43.41 39.99
N MET B 123 43.23 44.35 39.20
CA MET B 123 43.86 45.53 39.75
C MET B 123 42.90 46.72 39.68
N GLU B 124 43.06 47.62 40.63
CA GLU B 124 42.33 48.90 40.64
C GLU B 124 42.42 49.60 39.32
N ASN B 125 41.41 50.42 39.03
CA ASN B 125 41.43 51.31 37.88
C ASN B 125 41.66 50.54 36.59
N LEU B 126 41.07 49.35 36.50
CA LEU B 126 41.15 48.59 35.27
C LEU B 126 40.36 49.29 34.19
N ALA B 127 40.88 49.18 32.96
CA ALA B 127 40.27 49.83 31.82
C ALA B 127 38.88 49.22 31.58
N LEU B 128 37.99 50.04 31.03
CA LEU B 128 36.62 49.61 30.78
C LEU B 128 36.62 48.56 29.69
N GLY B 129 35.81 47.53 29.85
CA GLY B 129 35.69 46.45 28.90
C GLY B 129 36.81 45.42 28.94
N THR B 130 37.64 45.44 29.98
CA THR B 130 38.60 44.36 30.22
C THR B 130 37.90 43.05 30.61
N GLU B 131 38.29 41.95 29.97
CA GLU B 131 37.70 40.66 30.29
C GLU B 131 38.33 40.11 31.57
N ILE B 132 37.47 39.71 32.51
CA ILE B 132 37.86 39.31 33.87
C ILE B 132 37.92 37.79 34.01
N VAL B 133 36.87 37.12 33.56
CA VAL B 133 36.73 35.66 33.63
C VAL B 133 35.46 35.30 32.85
N ARG B 134 35.26 34.02 32.54
CA ARG B 134 34.11 33.60 31.75
C ARG B 134 33.31 32.45 32.34
N VAL B 135 32.01 32.69 32.53
CA VAL B 135 31.11 31.64 33.01
C VAL B 135 30.53 30.98 31.78
N GLN B 136 30.52 29.65 31.79
CA GLN B 136 30.02 28.84 30.69
C GLN B 136 29.20 27.71 31.29
N ALA B 137 28.06 27.45 30.66
CA ALA B 137 27.12 26.46 31.15
C ALA B 137 26.50 25.67 29.98
N TYR B 138 25.96 24.50 30.31
CA TYR B 138 25.66 23.46 29.33
C TYR B 138 24.30 22.86 29.63
N ASP B 139 23.32 23.19 28.79
CA ASP B 139 21.94 22.73 28.97
C ASP B 139 21.94 21.21 29.10
N ILE B 140 21.51 20.72 30.26
CA ILE B 140 21.34 19.28 30.47
C ILE B 140 20.50 18.67 29.34
N ASP B 141 19.43 19.33 28.94
CA ASP B 141 18.53 18.83 27.89
C ASP B 141 19.18 18.69 26.51
N ASN B 142 20.29 19.44 26.30
CA ASN B 142 21.01 19.44 25.02
C ASN B 142 20.17 19.97 23.86
N LEU B 143 19.27 20.90 24.17
CA LEU B 143 18.41 21.54 23.18
C LEU B 143 18.76 23.01 22.97
N ASN B 144 18.91 23.76 24.06
CA ASN B 144 19.03 25.21 24.01
C ASN B 144 20.39 25.79 24.41
N GLN B 145 20.53 27.05 24.04
CA GLN B 145 21.70 27.84 24.33
C GLN B 145 21.48 28.58 25.64
N ILE B 146 22.54 28.72 26.43
CA ILE B 146 22.45 29.39 27.70
C ILE B 146 22.48 30.92 27.48
N THR B 147 21.74 31.65 28.30
CA THR B 147 21.87 33.10 28.41
C THR B 147 22.23 33.48 29.86
N TYR B 148 23.17 34.39 30.01
CA TYR B 148 23.74 34.67 31.32
C TYR B 148 23.29 36.04 31.82
N ARG B 149 22.97 36.13 33.10
CA ARG B 149 22.70 37.39 33.77
C ARG B 149 23.07 37.33 35.26
N PHE B 150 23.28 38.50 35.87
CA PHE B 150 23.43 38.56 37.32
C PHE B 150 22.09 38.46 37.96
N ASP B 151 22.05 37.79 39.10
CA ASP B 151 20.83 37.49 39.78
C ASP B 151 20.31 38.76 40.47
N ALA B 152 19.06 38.68 40.87
CA ALA B 152 18.33 39.81 41.47
C ALA B 152 19.00 40.36 42.70
N TYR B 153 19.64 39.48 43.48
CA TYR B 153 20.18 39.86 44.79
C TYR B 153 21.61 40.35 44.69
N THR B 154 22.17 40.36 43.48
CA THR B 154 23.50 40.93 43.29
C THR B 154 23.43 42.46 43.50
N SER B 155 24.40 43.00 44.24
CA SER B 155 24.31 44.38 44.73
C SER B 155 24.34 45.43 43.60
N ALA B 156 23.68 46.57 43.83
CA ALA B 156 23.79 47.76 42.96
C ALA B 156 25.23 48.15 42.68
N GLN B 157 26.02 48.23 43.75
CA GLN B 157 27.45 48.55 43.68
C GLN B 157 28.16 47.65 42.66
N ALA B 158 27.92 46.34 42.73
CA ALA B 158 28.59 45.40 41.84
C ALA B 158 27.93 45.33 40.45
N LYS B 159 26.65 45.70 40.36
CA LYS B 159 26.01 45.89 39.04
C LYS B 159 26.58 47.13 38.33
N ALA B 160 27.00 48.13 39.10
CA ALA B 160 27.64 49.31 38.51
C ALA B 160 29.08 49.04 37.98
N LEU B 161 29.78 48.11 38.64
CA LEU B 161 31.19 47.85 38.31
C LEU B 161 31.40 46.79 37.25
N PHE B 162 30.55 45.77 37.22
CA PHE B 162 30.71 44.64 36.29
C PHE B 162 29.47 44.41 35.41
N LYS B 163 29.72 43.79 34.27
CA LYS B 163 28.68 43.47 33.32
C LYS B 163 29.02 42.06 32.82
N ILE B 164 28.03 41.18 32.76
CA ILE B 164 28.23 39.91 32.07
C ILE B 164 27.55 39.96 30.71
N ASP B 165 28.19 39.30 29.74
CA ASP B 165 27.61 39.16 28.41
C ASP B 165 26.52 38.10 28.42
N ALA B 166 25.35 38.47 27.92
CA ALA B 166 24.19 37.60 27.92
C ALA B 166 24.34 36.37 27.00
N ILE B 167 25.32 36.42 26.08
CA ILE B 167 25.58 35.30 25.18
C ILE B 167 26.81 34.52 25.61
N THR B 168 27.95 35.19 25.70
CA THR B 168 29.20 34.50 25.94
C THR B 168 29.38 34.12 27.41
N GLY B 169 28.69 34.82 28.30
CA GLY B 169 28.94 34.63 29.74
C GLY B 169 30.26 35.21 30.21
N VAL B 170 30.86 36.08 29.40
CA VAL B 170 32.10 36.75 29.76
C VAL B 170 31.76 37.94 30.65
N ILE B 171 32.43 38.03 31.80
CA ILE B 171 32.27 39.17 32.70
C ILE B 171 33.35 40.19 32.35
N THR B 172 32.94 41.45 32.23
CA THR B 172 33.87 42.55 31.88
C THR B 172 33.82 43.67 32.91
N VAL B 173 34.77 44.60 32.83
CA VAL B 173 34.74 45.80 33.64
C VAL B 173 33.84 46.86 33.00
N LYS B 174 32.84 47.27 33.77
CA LYS B 174 31.78 48.17 33.36
C LYS B 174 32.08 49.57 33.84
N GLY B 175 32.45 49.69 35.12
CA GLY B 175 32.81 50.98 35.73
C GLY B 175 34.19 50.98 36.34
N LEU B 176 34.47 51.98 37.16
CA LEU B 176 35.86 52.20 37.67
C LEU B 176 36.06 51.56 39.03
N VAL B 177 36.89 50.53 39.08
CA VAL B 177 37.01 49.70 40.28
C VAL B 177 37.97 50.35 41.27
N ASP B 178 37.42 50.81 42.38
CA ASP B 178 38.20 51.50 43.39
C ASP B 178 38.24 50.64 44.66
N ARG B 179 39.45 50.28 45.09
CA ARG B 179 39.73 49.58 46.34
C ARG B 179 38.98 50.06 47.57
N GLU B 180 39.00 51.37 47.80
CA GLU B 180 38.39 51.95 49.01
C GLU B 180 36.86 51.70 49.07
N LYS B 181 36.25 51.50 47.90
CA LYS B 181 34.80 51.18 47.85
C LYS B 181 34.49 49.69 47.98
N GLY B 182 35.46 48.85 47.61
CA GLY B 182 35.28 47.40 47.68
C GLY B 182 36.52 46.70 47.17
N ASP B 183 37.05 45.79 47.98
CA ASP B 183 38.19 44.96 47.62
C ASP B 183 37.82 43.54 47.15
N PHE B 184 36.57 43.14 47.31
CA PHE B 184 36.17 41.75 47.04
C PHE B 184 34.68 41.69 46.73
N TYR B 185 34.29 40.94 45.70
CA TYR B 185 32.90 40.84 45.31
C TYR B 185 32.53 39.38 45.14
N THR B 186 31.36 38.99 45.64
CA THR B 186 30.80 37.69 45.34
C THR B 186 29.59 37.92 44.42
N LEU B 187 29.78 37.62 43.14
CA LEU B 187 28.67 37.71 42.17
C LEU B 187 27.97 36.37 41.98
N THR B 188 26.66 36.43 41.70
CA THR B 188 25.85 35.22 41.52
C THR B 188 25.27 35.24 40.11
N VAL B 189 25.72 34.33 39.25
CA VAL B 189 25.32 34.35 37.84
C VAL B 189 24.24 33.29 37.60
N VAL B 190 23.18 33.68 36.92
CA VAL B 190 22.15 32.76 36.51
C VAL B 190 22.36 32.37 35.06
N ALA B 191 22.20 31.07 34.80
CA ALA B 191 22.20 30.48 33.45
C ALA B 191 20.79 30.04 33.10
N ASP B 192 20.17 30.72 32.15
CA ASP B 192 18.80 30.43 31.73
C ASP B 192 18.80 29.66 30.43
N ASP B 193 18.04 28.58 30.38
CA ASP B 193 17.94 27.73 29.17
C ASP B 193 16.63 27.96 28.42
N GLY B 194 15.83 28.90 28.93
CA GLY B 194 14.46 29.09 28.42
C GLY B 194 13.47 28.07 28.97
N GLY B 195 13.86 27.39 30.04
CA GLY B 195 13.11 26.28 30.54
C GLY B 195 12.31 26.62 31.80
N PRO B 196 11.72 25.58 32.41
CA PRO B 196 10.93 25.69 33.63
C PRO B 196 11.77 25.89 34.94
N LYS B 197 12.89 25.17 35.04
CA LYS B 197 13.45 24.84 36.35
C LYS B 197 13.74 26.02 37.28
N VAL B 198 13.78 25.70 38.58
CA VAL B 198 14.44 26.55 39.59
C VAL B 198 15.81 26.92 39.08
N ASP B 199 16.15 28.20 39.23
CA ASP B 199 17.31 28.79 38.64
C ASP B 199 18.61 28.09 38.98
N SER B 200 19.41 27.81 37.96
CA SER B 200 20.76 27.28 38.14
C SER B 200 21.73 28.45 38.24
N THR B 201 22.43 28.54 39.38
CA THR B 201 23.34 29.63 39.65
C THR B 201 24.71 29.11 40.04
N VAL B 202 25.70 30.01 39.85
CA VAL B 202 27.07 29.77 40.25
C VAL B 202 27.66 31.06 40.83
N LYS B 203 28.63 30.93 41.73
CA LYS B 203 29.35 32.05 42.32
C LYS B 203 30.57 32.44 41.48
N VAL B 204 30.80 33.75 41.37
CA VAL B 204 32.04 34.31 40.85
C VAL B 204 32.67 35.20 41.95
N TYR B 205 33.91 34.87 42.34
CA TYR B 205 34.57 35.57 43.45
C TYR B 205 35.68 36.47 42.95
N ILE B 206 35.49 37.78 43.03
CA ILE B 206 36.41 38.71 42.41
C ILE B 206 37.20 39.49 43.46
N THR B 207 38.52 39.48 43.34
CA THR B 207 39.36 40.18 44.30
C THR B 207 40.05 41.38 43.61
N VAL B 208 40.20 42.51 44.33
CA VAL B 208 40.75 43.75 43.79
C VAL B 208 42.07 44.10 44.47
N LEU B 209 43.09 44.45 43.67
CA LEU B 209 44.38 44.80 44.25
C LEU B 209 44.64 46.29 44.18
N ASP C 3 41.40 32.00 29.55
CA ASP C 3 40.72 30.79 30.09
C ASP C 3 39.23 30.67 29.53
N GLU C 4 39.01 29.57 28.85
CA GLU C 4 37.65 29.09 28.60
C GLU C 4 37.55 27.59 28.77
N ALA C 5 36.33 27.08 28.83
CA ALA C 5 36.09 25.68 29.02
C ALA C 5 35.76 25.04 27.69
N PRO C 6 35.90 23.69 27.62
CA PRO C 6 35.66 22.95 26.39
C PRO C 6 34.19 22.97 26.02
N VAL C 7 33.94 23.10 24.72
CA VAL C 7 32.60 22.98 24.17
C VAL C 7 32.68 21.85 23.15
N PHE C 8 31.81 20.84 23.31
CA PHE C 8 31.66 19.78 22.29
C PHE C 8 31.14 20.37 20.98
N THR C 9 31.44 19.72 19.86
CA THR C 9 30.93 20.18 18.56
C THR C 9 29.46 19.93 18.37
N GLN C 10 28.86 19.07 19.20
CA GLN C 10 27.40 18.89 19.23
C GLN C 10 26.88 18.72 20.66
N GLN C 11 25.67 19.24 20.92
CA GLN C 11 25.00 19.09 22.23
C GLN C 11 24.53 17.65 22.49
N GLN C 12 23.86 17.06 21.50
CA GLN C 12 23.56 15.62 21.49
C GLN C 12 24.15 15.03 20.23
N TYR C 13 25.02 14.04 20.39
CA TYR C 13 25.47 13.22 19.25
C TYR C 13 24.50 12.09 19.01
N ASN C 14 24.46 11.63 17.75
CA ASN C 14 23.51 10.60 17.32
C ASN C 14 24.19 9.49 16.56
N ARG C 15 24.00 8.27 17.06
CA ARG C 15 24.34 7.08 16.29
C ARG C 15 23.14 6.14 16.21
N LEU C 16 22.53 6.07 15.01
CA LEU C 16 21.30 5.31 14.83
C LEU C 16 21.57 4.01 14.08
N GLY C 17 20.90 2.95 14.49
CA GLY C 17 20.94 1.68 13.74
C GLY C 17 22.24 0.92 13.89
N LEU C 18 22.82 1.00 15.08
CA LEU C 18 23.96 0.19 15.43
C LEU C 18 23.47 -1.25 15.52
N ARG C 19 24.11 -2.14 14.78
CA ARG C 19 23.66 -3.52 14.71
C ARG C 19 23.74 -4.15 16.11
N GLU C 20 22.63 -4.70 16.62
CA GLU C 20 22.62 -5.28 17.97
C GLU C 20 23.64 -6.43 18.13
N THR C 21 23.90 -7.15 17.04
CA THR C 21 24.88 -8.24 17.05
C THR C 21 26.31 -7.76 16.74
N ALA C 22 26.53 -6.45 16.74
CA ALA C 22 27.88 -5.92 16.55
C ALA C 22 28.85 -6.49 17.58
N GLY C 23 30.09 -6.69 17.12
CA GLY C 23 31.15 -7.28 17.93
C GLY C 23 31.73 -6.29 18.91
N ILE C 24 32.51 -6.81 19.84
CA ILE C 24 33.17 -5.97 20.84
C ILE C 24 34.32 -5.17 20.19
N GLY C 25 34.45 -3.90 20.59
CA GLY C 25 35.36 -2.95 19.96
C GLY C 25 34.82 -2.23 18.73
N THR C 26 33.53 -2.35 18.45
CA THR C 26 32.97 -1.71 17.26
C THR C 26 32.89 -0.22 17.49
N SER C 27 33.26 0.55 16.49
CA SER C 27 33.26 2.01 16.58
C SER C 27 31.81 2.49 16.63
N VAL C 28 31.49 3.31 17.64
CA VAL C 28 30.13 3.78 17.83
C VAL C 28 29.94 5.21 17.31
N ILE C 29 30.70 6.15 17.84
CA ILE C 29 30.75 7.52 17.32
C ILE C 29 31.93 8.22 17.97
N VAL C 30 32.44 9.26 17.31
CA VAL C 30 33.53 10.08 17.87
C VAL C 30 33.04 11.43 18.37
N VAL C 31 33.34 11.71 19.65
CA VAL C 31 33.04 13.02 20.20
C VAL C 31 34.26 13.94 20.13
N ARG C 32 34.03 15.23 20.25
CA ARG C 32 35.09 16.21 20.14
C ARG C 32 34.70 17.52 20.83
N ALA C 33 35.53 17.95 21.78
CA ALA C 33 35.35 19.22 22.44
C ALA C 33 36.57 20.07 22.21
N THR C 34 36.35 21.30 21.79
CA THR C 34 37.39 22.23 21.40
C THR C 34 37.55 23.27 22.52
N ASP C 35 38.77 23.78 22.67
CA ASP C 35 39.17 24.73 23.72
C ASP C 35 40.21 25.63 23.06
N LYS C 36 40.05 26.95 23.13
CA LYS C 36 40.95 27.84 22.40
C LYS C 36 41.96 28.61 23.27
N ASP C 37 42.16 28.25 24.54
CA ASP C 37 43.23 28.89 25.38
C ASP C 37 44.64 28.95 24.78
N VAL C 44 42.21 18.33 27.03
CA VAL C 44 40.83 17.81 27.10
C VAL C 44 40.89 16.30 27.38
N ASN C 45 40.21 15.87 28.45
CA ASN C 45 40.10 14.44 28.81
C ASN C 45 38.65 14.05 28.66
N TYR C 46 38.39 12.97 27.96
CA TYR C 46 37.02 12.50 27.73
C TYR C 46 36.60 11.40 28.69
N ARG C 47 35.33 11.44 29.10
CA ARG C 47 34.79 10.51 30.06
C ARG C 47 33.28 10.36 29.95
N ILE C 48 32.78 9.13 30.07
CA ILE C 48 31.33 8.89 30.19
C ILE C 48 30.93 8.86 31.66
N LEU C 49 30.01 9.74 32.07
CA LEU C 49 29.56 9.84 33.47
C LEU C 49 28.40 8.93 33.79
N SER C 50 27.52 8.68 32.80
CA SER C 50 26.36 7.82 33.01
C SER C 50 25.78 7.28 31.71
N GLY C 51 25.06 6.17 31.80
CA GLY C 51 24.14 5.74 30.74
C GLY C 51 24.68 4.61 29.89
N ALA C 52 25.95 4.26 30.07
CA ALA C 52 26.56 3.26 29.20
C ALA C 52 26.26 1.85 29.69
N GLU C 53 25.92 1.71 30.97
CA GLU C 53 25.49 0.42 31.54
C GLU C 53 26.41 -0.77 31.19
N GLY C 54 27.73 -0.56 31.23
CA GLY C 54 28.71 -1.63 31.03
C GLY C 54 28.89 -2.11 29.58
N LYS C 55 28.24 -1.44 28.62
CA LYS C 55 28.31 -1.79 27.19
C LYS C 55 29.24 -0.89 26.36
N PHE C 56 29.54 0.32 26.85
CA PHE C 56 30.39 1.23 26.09
C PHE C 56 31.50 1.84 26.92
N GLU C 57 32.57 2.23 26.22
CA GLU C 57 33.74 2.81 26.85
C GLU C 57 34.29 3.88 25.91
N ILE C 58 34.76 4.98 26.49
CA ILE C 58 35.30 6.08 25.69
C ILE C 58 36.81 6.17 25.84
N ASP C 59 37.50 6.50 24.76
CA ASP C 59 38.94 6.78 24.88
C ASP C 59 39.07 8.18 25.44
N GLU C 60 39.84 8.32 26.51
CA GLU C 60 40.04 9.60 27.22
C GLU C 60 40.54 10.70 26.36
N SER C 61 41.32 10.29 25.39
CA SER C 61 42.18 11.19 24.67
C SER C 61 41.63 11.36 23.23
N THR C 62 41.19 10.26 22.62
CA THR C 62 40.69 10.32 21.26
C THR C 62 39.23 10.72 21.21
N GLY C 63 38.46 10.37 22.23
CA GLY C 63 37.04 10.72 22.28
C GLY C 63 36.20 9.75 21.48
N LEU C 64 36.80 8.64 21.05
CA LEU C 64 36.06 7.60 20.35
C LEU C 64 35.35 6.74 21.36
N ILE C 65 34.07 6.48 21.10
CA ILE C 65 33.32 5.47 21.86
C ILE C 65 33.22 4.14 21.11
N VAL C 66 33.47 3.03 21.80
CA VAL C 66 33.41 1.68 21.23
C VAL C 66 32.59 0.78 22.15
N THR C 67 32.16 -0.37 21.66
CA THR C 67 31.40 -1.29 22.51
C THR C 67 32.38 -2.12 23.32
N VAL C 68 31.93 -2.61 24.48
CA VAL C 68 32.78 -3.40 25.39
C VAL C 68 32.15 -4.70 25.92
N ASP C 69 30.85 -4.95 25.70
CA ASP C 69 30.37 -6.35 25.54
C ASP C 69 29.18 -6.40 24.59
N TYR C 70 28.39 -7.46 24.65
CA TYR C 70 27.38 -7.68 23.67
C TYR C 70 26.19 -6.79 23.92
N LEU C 71 25.49 -6.50 22.84
CA LEU C 71 24.26 -5.69 22.90
C LEU C 71 23.09 -6.65 22.64
N ASP C 72 21.87 -6.17 22.88
CA ASP C 72 20.65 -6.91 22.64
C ASP C 72 19.46 -5.94 22.47
N TYR C 73 18.90 -5.91 21.26
CA TYR C 73 17.70 -5.12 20.95
C TYR C 73 16.55 -5.51 21.89
N GLU C 74 16.40 -6.81 22.09
CA GLU C 74 15.32 -7.35 22.91
C GLU C 74 15.49 -7.11 24.42
N THR C 75 16.68 -6.70 24.88
CA THR C 75 16.87 -6.29 26.29
C THR C 75 16.93 -4.77 26.46
N LYS C 76 17.52 -4.04 25.49
CA LYS C 76 17.49 -2.58 25.54
C LYS C 76 17.66 -1.99 24.15
N THR C 77 16.67 -1.20 23.73
CA THR C 77 16.59 -0.72 22.34
C THR C 77 17.42 0.52 22.06
N SER C 78 17.69 1.30 23.10
CA SER C 78 18.52 2.52 22.96
C SER C 78 19.20 2.98 24.27
N TYR C 79 20.27 3.76 24.12
CA TYR C 79 21.16 4.21 25.21
C TYR C 79 21.33 5.74 25.11
N LEU C 80 21.35 6.42 26.26
CA LEU C 80 21.65 7.85 26.30
C LEU C 80 22.77 8.14 27.32
N MET C 81 23.98 8.38 26.79
CA MET C 81 25.19 8.46 27.62
C MET C 81 25.55 9.90 27.88
N ASN C 82 26.01 10.21 29.08
CA ASN C 82 26.46 11.56 29.42
C ASN C 82 27.94 11.60 29.39
N VAL C 83 28.49 12.55 28.65
CA VAL C 83 29.96 12.64 28.47
C VAL C 83 30.48 14.00 28.97
N SER C 84 31.64 13.98 29.62
CA SER C 84 32.31 15.20 30.04
C SER C 84 33.66 15.38 29.35
N ALA C 85 34.05 16.64 29.14
CA ALA C 85 35.38 16.97 28.67
C ALA C 85 35.97 17.94 29.65
N THR C 86 37.09 17.56 30.26
CA THR C 86 37.74 18.38 31.26
C THR C 86 39.06 18.87 30.68
N ASP C 87 39.30 20.18 30.67
CA ASP C 87 40.61 20.65 30.16
C ASP C 87 41.75 20.30 31.12
N GLY C 88 42.98 20.33 30.58
CA GLY C 88 44.11 19.60 31.16
C GLY C 88 44.95 20.48 32.06
N ALA C 89 44.51 21.70 32.31
CA ALA C 89 45.17 22.57 33.23
C ALA C 89 44.16 23.05 34.27
N PRO C 90 44.65 23.45 35.45
CA PRO C 90 43.84 24.21 36.41
C PRO C 90 43.05 25.32 35.74
N PRO C 91 41.76 25.50 36.06
CA PRO C 91 41.06 24.79 37.14
C PRO C 91 40.26 23.56 36.70
N PHE C 92 40.66 22.96 35.58
CA PHE C 92 40.01 21.76 35.06
C PHE C 92 38.56 22.05 34.70
N ASN C 93 38.35 23.02 33.83
CA ASN C 93 36.99 23.43 33.46
C ASN C 93 36.38 22.27 32.67
N GLN C 94 35.08 22.05 32.83
CA GLN C 94 34.39 20.97 32.18
C GLN C 94 33.40 21.45 31.11
N GLY C 95 33.14 20.59 30.13
CA GLY C 95 32.07 20.75 29.14
C GLY C 95 31.25 19.46 29.05
N PHE C 96 30.06 19.51 28.46
CA PHE C 96 29.12 18.41 28.56
C PHE C 96 28.34 18.21 27.26
N CYS C 97 28.04 16.94 26.96
CA CYS C 97 27.12 16.56 25.87
C CYS C 97 26.46 15.24 26.24
N SER C 98 25.52 14.78 25.41
CA SER C 98 25.08 13.40 25.53
C SER C 98 25.19 12.67 24.20
N VAL C 99 25.08 11.35 24.26
CA VAL C 99 25.24 10.53 23.06
C VAL C 99 24.07 9.55 22.98
N TYR C 100 23.31 9.64 21.88
CA TYR C 100 22.11 8.83 21.71
C TYR C 100 22.46 7.71 20.76
N VAL C 101 22.38 6.48 21.28
CA VAL C 101 22.58 5.28 20.44
C VAL C 101 21.26 4.48 20.37
N THR C 102 20.75 4.24 19.16
CA THR C 102 19.64 3.30 18.97
C THR C 102 20.15 2.08 18.22
N LEU C 103 19.55 0.93 18.53
CA LEU C 103 20.01 -0.35 18.03
C LEU C 103 19.13 -0.83 16.88
N LEU C 104 19.73 -1.60 15.97
CA LEU C 104 19.03 -2.16 14.84
C LEU C 104 18.65 -3.56 15.21
N ASN C 105 17.33 -3.84 15.30
CA ASN C 105 16.86 -5.19 15.51
C ASN C 105 17.29 -6.05 14.34
N GLU C 106 17.99 -7.14 14.64
CA GLU C 106 18.33 -8.11 13.63
C GLU C 106 17.75 -9.45 14.05
N LEU C 107 17.70 -10.37 13.10
CA LEU C 107 17.17 -11.69 13.34
C LEU C 107 18.18 -12.55 14.08
N ASP C 108 18.11 -12.51 15.41
CA ASP C 108 19.02 -13.24 16.28
C ASP C 108 18.31 -14.00 17.43
N GLU C 109 17.00 -14.21 17.29
CA GLU C 109 16.22 -14.83 18.36
C GLU C 109 15.39 -15.97 17.80
N ALA C 110 14.79 -16.76 18.68
CA ALA C 110 14.02 -17.95 18.28
C ALA C 110 12.57 -17.57 17.93
N VAL C 111 11.63 -18.46 18.21
CA VAL C 111 10.23 -18.32 17.86
C VAL C 111 9.39 -18.98 18.95
N GLN C 112 8.26 -18.34 19.31
CA GLN C 112 7.31 -18.93 20.24
C GLN C 112 6.08 -19.44 19.51
N PHE C 113 5.48 -20.50 20.07
CA PHE C 113 4.22 -21.05 19.61
C PHE C 113 3.06 -20.51 20.44
N SER C 114 1.82 -20.76 19.99
CA SER C 114 0.65 -20.28 20.70
C SER C 114 0.25 -21.15 21.90
N ASN C 115 0.81 -22.35 22.01
CA ASN C 115 0.60 -23.21 23.19
C ASN C 115 1.76 -24.14 23.42
N ALA C 116 1.61 -24.91 24.49
CA ALA C 116 2.58 -25.88 24.92
C ALA C 116 2.67 -27.03 23.92
N SER C 117 1.51 -27.41 23.40
CA SER C 117 1.44 -28.52 22.47
C SER C 117 0.17 -28.30 21.66
N TYR C 118 -0.17 -29.24 20.78
CA TYR C 118 -1.48 -29.26 20.15
C TYR C 118 -2.11 -30.67 20.23
N GLU C 119 -3.43 -30.73 20.06
CA GLU C 119 -4.19 -31.99 20.17
C GLU C 119 -5.30 -32.04 19.12
N ALA C 120 -5.53 -33.21 18.56
CA ALA C 120 -6.77 -33.46 17.82
C ALA C 120 -7.24 -34.88 18.08
N VAL C 121 -8.53 -35.05 18.37
CA VAL C 121 -9.12 -36.38 18.40
C VAL C 121 -10.03 -36.46 17.18
N ILE C 122 -9.75 -37.42 16.29
CA ILE C 122 -10.46 -37.55 15.02
C ILE C 122 -10.98 -38.95 14.76
N MET C 123 -11.87 -39.08 13.79
CA MET C 123 -12.46 -40.37 13.50
C MET C 123 -11.86 -40.96 12.24
N GLU C 124 -11.83 -42.29 12.23
CA GLU C 124 -11.45 -43.09 11.07
C GLU C 124 -12.13 -42.60 9.82
N ASN C 125 -11.47 -42.83 8.68
CA ASN C 125 -12.07 -42.61 7.39
C ASN C 125 -12.58 -41.18 7.24
N LEU C 126 -11.90 -40.22 7.83
CA LEU C 126 -12.29 -38.82 7.65
C LEU C 126 -11.93 -38.38 6.27
N ALA C 127 -12.74 -37.48 5.72
CA ALA C 127 -12.60 -37.02 4.35
C ALA C 127 -11.27 -36.33 4.14
N LEU C 128 -10.75 -36.44 2.93
CA LEU C 128 -9.47 -35.82 2.57
C LEU C 128 -9.61 -34.31 2.62
N GLY C 129 -8.57 -33.65 3.11
CA GLY C 129 -8.54 -32.20 3.19
C GLY C 129 -9.32 -31.61 4.34
N THR C 130 -9.76 -32.44 5.29
CA THR C 130 -10.35 -31.96 6.54
C THR C 130 -9.29 -31.30 7.43
N GLU C 131 -9.60 -30.12 7.95
CA GLU C 131 -8.69 -29.41 8.83
C GLU C 131 -8.78 -30.03 10.23
N ILE C 132 -7.64 -30.38 10.79
CA ILE C 132 -7.53 -31.16 12.03
C ILE C 132 -7.21 -30.29 13.23
N VAL C 133 -6.23 -29.41 13.05
CA VAL C 133 -5.79 -28.47 14.05
C VAL C 133 -4.83 -27.49 13.36
N ARG C 134 -4.49 -26.39 14.02
CA ARG C 134 -3.64 -25.39 13.43
C ARG C 134 -2.50 -24.96 14.35
N VAL C 135 -1.27 -25.10 13.84
CA VAL C 135 -0.08 -24.66 14.57
C VAL C 135 0.20 -23.26 14.12
N GLN C 136 0.47 -22.39 15.09
CA GLN C 136 0.67 -20.96 14.86
C GLN C 136 1.80 -20.52 15.74
N ALA C 137 2.71 -19.73 15.18
CA ALA C 137 3.94 -19.35 15.87
C ALA C 137 4.35 -17.92 15.51
N TYR C 138 5.17 -17.31 16.36
CA TYR C 138 5.35 -15.86 16.40
C TYR C 138 6.82 -15.51 16.57
N ASP C 139 7.42 -15.00 15.51
CA ASP C 139 8.84 -14.65 15.51
C ASP C 139 9.13 -13.71 16.68
N ILE C 140 9.93 -14.16 17.64
CA ILE C 140 10.36 -13.31 18.75
C ILE C 140 10.92 -11.99 18.24
N ASP C 141 11.73 -12.04 17.19
CA ASP C 141 12.37 -10.85 16.61
C ASP C 141 11.39 -9.83 16.01
N ASN C 142 10.18 -10.29 15.68
CA ASN C 142 9.13 -9.46 15.07
C ASN C 142 9.55 -8.90 13.71
N LEU C 143 10.35 -9.67 12.97
CA LEU C 143 10.79 -9.32 11.63
C LEU C 143 10.16 -10.23 10.55
N ASN C 144 10.16 -11.53 10.77
CA ASN C 144 9.83 -12.51 9.73
C ASN C 144 8.52 -13.27 9.97
N GLN C 145 8.05 -13.85 8.87
CA GLN C 145 6.89 -14.69 8.84
C GLN C 145 7.32 -16.13 9.15
N ILE C 146 6.46 -16.86 9.87
CA ILE C 146 6.73 -18.26 10.12
C ILE C 146 6.36 -19.10 8.89
N THR C 147 7.19 -20.12 8.60
CA THR C 147 6.82 -21.16 7.66
C THR C 147 6.83 -22.52 8.36
N TYR C 148 5.81 -23.33 8.10
CA TYR C 148 5.61 -24.54 8.88
C TYR C 148 5.90 -25.76 8.05
N ARG C 149 6.58 -26.72 8.68
CA ARG C 149 6.81 -28.03 8.08
C ARG C 149 6.93 -29.09 9.15
N PHE C 150 6.70 -30.33 8.74
CA PHE C 150 6.99 -31.48 9.58
C PHE C 150 8.46 -31.69 9.57
N ASP C 151 8.95 -32.14 10.71
CA ASP C 151 10.33 -32.53 10.91
C ASP C 151 10.72 -33.59 9.92
N ALA C 152 11.94 -33.52 9.39
CA ALA C 152 12.41 -34.44 8.33
C ALA C 152 12.31 -35.91 8.71
N TYR C 153 12.48 -36.19 10.00
CA TYR C 153 12.50 -37.56 10.53
C TYR C 153 11.16 -38.04 11.04
N THR C 154 10.12 -37.33 10.65
CA THR C 154 8.76 -37.86 10.68
C THR C 154 8.65 -39.11 9.80
N SER C 155 7.96 -40.13 10.32
CA SER C 155 7.79 -41.40 9.62
C SER C 155 7.09 -41.27 8.25
N ALA C 156 7.45 -42.16 7.31
CA ALA C 156 6.76 -42.30 6.03
C ALA C 156 5.25 -42.39 6.18
N GLN C 157 4.83 -43.28 7.08
CA GLN C 157 3.43 -43.51 7.39
C GLN C 157 2.71 -42.21 7.71
N ALA C 158 3.30 -41.38 8.57
CA ALA C 158 2.65 -40.13 8.99
C ALA C 158 2.81 -39.02 7.95
N LYS C 159 3.87 -39.11 7.12
CA LYS C 159 3.96 -38.20 5.98
C LYS C 159 2.91 -38.51 4.93
N ALA C 160 2.52 -39.79 4.83
CA ALA C 160 1.47 -40.19 3.88
C ALA C 160 0.07 -39.73 4.34
N LEU C 161 -0.16 -39.67 5.65
CA LEU C 161 -1.50 -39.42 6.18
C LEU C 161 -1.82 -37.95 6.38
N PHE C 162 -0.83 -37.15 6.75
CA PHE C 162 -1.03 -35.74 7.04
C PHE C 162 -0.17 -34.79 6.19
N LYS C 163 -0.67 -33.57 6.06
CA LYS C 163 0.04 -32.51 5.39
C LYS C 163 -0.15 -31.25 6.21
N ILE C 164 0.92 -30.50 6.48
CA ILE C 164 0.76 -29.16 7.05
C ILE C 164 0.95 -28.11 5.97
N ASP C 165 0.18 -27.03 6.05
CA ASP C 165 0.34 -25.90 5.16
C ASP C 165 1.55 -25.06 5.57
N ALA C 166 2.43 -24.79 4.62
CA ALA C 166 3.66 -24.03 4.87
C ALA C 166 3.44 -22.56 5.25
N ILE C 167 2.24 -22.04 4.99
CA ILE C 167 1.89 -20.67 5.34
C ILE C 167 0.98 -20.64 6.58
N THR C 168 -0.16 -21.31 6.50
CA THR C 168 -1.15 -21.18 7.57
C THR C 168 -0.79 -22.01 8.79
N GLY C 169 0.04 -23.04 8.62
CA GLY C 169 0.30 -23.98 9.71
C GLY C 169 -0.87 -24.89 10.02
N VAL C 170 -1.83 -24.98 9.09
CA VAL C 170 -3.00 -25.82 9.25
C VAL C 170 -2.61 -27.23 8.84
N ILE C 171 -2.88 -28.21 9.71
CA ILE C 171 -2.64 -29.61 9.38
C ILE C 171 -3.94 -30.20 8.85
N THR C 172 -3.85 -30.92 7.72
CA THR C 172 -5.04 -31.50 7.07
C THR C 172 -4.89 -33.00 6.85
N VAL C 173 -5.98 -33.66 6.50
CA VAL C 173 -5.94 -35.07 6.15
C VAL C 173 -5.54 -35.23 4.67
N LYS C 174 -4.47 -35.98 4.47
CA LYS C 174 -3.80 -36.15 3.20
C LYS C 174 -4.17 -37.49 2.63
N GLY C 175 -4.09 -38.53 3.47
CA GLY C 175 -4.49 -39.89 3.09
C GLY C 175 -5.56 -40.47 3.99
N LEU C 176 -5.76 -41.78 3.91
CA LEU C 176 -6.91 -42.44 4.57
C LEU C 176 -6.53 -42.95 5.95
N VAL C 177 -7.16 -42.36 6.97
CA VAL C 177 -6.80 -42.65 8.35
C VAL C 177 -7.52 -43.91 8.82
N ASP C 178 -6.72 -44.95 9.00
CA ASP C 178 -7.19 -46.27 9.30
C ASP C 178 -6.66 -46.57 10.70
N ARG C 179 -7.57 -46.94 11.59
CA ARG C 179 -7.22 -47.28 13.00
C ARG C 179 -6.19 -48.41 13.10
N GLU C 180 -6.40 -49.48 12.32
CA GLU C 180 -5.55 -50.65 12.37
C GLU C 180 -4.11 -50.34 11.92
N LYS C 181 -3.91 -49.27 11.17
CA LYS C 181 -2.57 -48.80 10.78
C LYS C 181 -1.89 -47.91 11.81
N GLY C 182 -2.69 -47.25 12.65
CA GLY C 182 -2.17 -46.34 13.67
C GLY C 182 -3.35 -45.62 14.32
N ASP C 183 -3.43 -45.72 15.65
CA ASP C 183 -4.45 -45.04 16.42
C ASP C 183 -3.99 -43.71 17.05
N PHE C 184 -2.70 -43.42 17.01
CA PHE C 184 -2.18 -42.23 17.66
C PHE C 184 -0.88 -41.78 17.00
N TYR C 185 -0.73 -40.48 16.77
CA TYR C 185 0.48 -39.96 16.13
C TYR C 185 1.01 -38.81 16.94
N THR C 186 2.30 -38.82 17.19
CA THR C 186 2.99 -37.67 17.75
C THR C 186 3.82 -37.06 16.63
N LEU C 187 3.33 -35.94 16.10
CA LEU C 187 4.04 -35.17 15.08
C LEU C 187 4.86 -34.05 15.69
N THR C 188 5.96 -33.70 15.02
CA THR C 188 6.85 -32.63 15.44
C THR C 188 6.87 -31.58 14.35
N VAL C 189 6.33 -30.38 14.68
CA VAL C 189 6.27 -29.30 13.69
C VAL C 189 7.42 -28.32 13.90
N VAL C 190 8.09 -27.95 12.83
CA VAL C 190 9.09 -26.90 12.90
C VAL C 190 8.49 -25.60 12.41
N ALA C 191 8.76 -24.53 13.15
CA ALA C 191 8.43 -23.16 12.76
C ALA C 191 9.73 -22.43 12.42
N ASP C 192 9.91 -22.13 11.13
CA ASP C 192 11.14 -21.50 10.66
C ASP C 192 10.91 -20.01 10.45
N ASP C 193 11.79 -19.21 11.06
CA ASP C 193 11.85 -17.78 10.86
C ASP C 193 12.97 -17.43 9.91
N GLY C 194 13.72 -18.41 9.42
CA GLY C 194 14.95 -18.17 8.65
C GLY C 194 16.15 -17.77 9.53
N GLY C 195 16.06 -18.07 10.80
CA GLY C 195 17.01 -17.56 11.78
C GLY C 195 18.07 -18.54 12.21
N PRO C 196 19.03 -18.04 12.99
CA PRO C 196 20.30 -18.76 13.31
C PRO C 196 20.19 -19.84 14.37
N LYS C 197 19.39 -19.59 15.40
CA LYS C 197 19.08 -20.54 16.48
C LYS C 197 18.76 -21.97 15.99
N VAL C 198 19.00 -22.92 16.89
CA VAL C 198 18.41 -24.28 16.78
C VAL C 198 16.93 -24.12 16.54
N ASP C 199 16.42 -24.92 15.60
CA ASP C 199 15.01 -24.85 15.22
C ASP C 199 14.03 -25.04 16.35
N SER C 200 13.02 -24.19 16.37
CA SER C 200 11.94 -24.22 17.36
C SER C 200 10.81 -25.17 16.92
N THR C 201 10.56 -26.15 17.78
CA THR C 201 9.59 -27.21 17.47
C THR C 201 8.53 -27.34 18.55
N VAL C 202 7.38 -27.91 18.15
CA VAL C 202 6.28 -28.22 19.05
C VAL C 202 5.70 -29.58 18.69
N LYS C 203 5.10 -30.26 19.67
CA LYS C 203 4.39 -31.53 19.44
C LYS C 203 2.94 -31.32 19.05
N VAL C 204 2.47 -32.15 18.11
CA VAL C 204 1.06 -32.28 17.80
C VAL C 204 0.66 -33.74 18.05
N TYR C 205 -0.34 -33.94 18.94
CA TYR C 205 -0.76 -35.29 19.32
C TYR C 205 -2.10 -35.63 18.72
N ILE C 206 -2.13 -36.56 17.78
CA ILE C 206 -3.36 -36.86 17.05
C ILE C 206 -3.88 -38.22 17.42
N THR C 207 -5.14 -38.28 17.85
CA THR C 207 -5.76 -39.51 18.31
C THR C 207 -6.83 -39.94 17.29
N VAL C 208 -6.94 -41.24 17.00
CA VAL C 208 -7.86 -41.76 15.98
C VAL C 208 -8.88 -42.68 16.65
N LEU C 209 -10.15 -42.50 16.33
CA LEU C 209 -11.19 -43.27 16.96
C LEU C 209 -11.87 -44.16 15.91
N ASP C 210 -12.69 -45.10 16.40
CA ASP C 210 -13.54 -45.92 15.51
C ASP C 210 -14.73 -45.14 14.97
N GLU C 211 -15.49 -45.79 14.06
CA GLU C 211 -16.87 -45.37 13.72
C GLU C 211 -17.49 -44.30 14.62
N ASP D 3 -15.43 -53.29 -4.72
CA ASP D 3 -16.27 -52.09 -5.07
C ASP D 3 -15.73 -51.50 -6.37
N GLU D 4 -16.52 -50.61 -6.99
CA GLU D 4 -16.03 -49.89 -8.20
C GLU D 4 -15.65 -48.45 -7.87
N ALA D 5 -14.80 -47.92 -8.74
CA ALA D 5 -14.49 -46.50 -8.76
C ALA D 5 -15.33 -45.84 -9.84
N PRO D 6 -15.39 -44.50 -9.80
CA PRO D 6 -16.23 -43.75 -10.73
C PRO D 6 -15.66 -43.80 -12.13
N VAL D 7 -16.55 -43.94 -13.10
CA VAL D 7 -16.19 -43.84 -14.49
C VAL D 7 -17.01 -42.71 -15.09
N PHE D 8 -16.34 -41.71 -15.68
CA PHE D 8 -17.03 -40.65 -16.43
C PHE D 8 -17.74 -41.26 -17.64
N THR D 9 -18.79 -40.59 -18.11
CA THR D 9 -19.50 -41.07 -19.31
C THR D 9 -18.71 -40.82 -20.58
N GLN D 10 -17.70 -39.95 -20.53
CA GLN D 10 -16.78 -39.77 -21.65
C GLN D 10 -15.33 -39.59 -21.18
N GLN D 11 -14.38 -40.12 -21.95
CA GLN D 11 -12.93 -39.96 -21.67
C GLN D 11 -12.45 -38.54 -21.93
N GLN D 12 -12.80 -37.97 -23.08
CA GLN D 12 -12.63 -36.54 -23.33
C GLN D 12 -14.00 -35.94 -23.65
N TYR D 13 -14.41 -34.95 -22.86
CA TYR D 13 -15.59 -34.15 -23.23
C TYR D 13 -15.18 -33.02 -24.15
N ASN D 14 -16.14 -32.56 -24.96
CA ASN D 14 -15.89 -31.54 -25.98
C ASN D 14 -16.89 -30.44 -25.91
N ARG D 15 -16.39 -29.22 -25.77
CA ARG D 15 -17.20 -28.02 -26.01
C ARG D 15 -16.52 -27.13 -27.03
N LEU D 16 -17.11 -27.05 -28.23
CA LEU D 16 -16.51 -26.29 -29.34
C LEU D 16 -17.26 -25.00 -29.58
N GLY D 17 -16.54 -23.94 -29.85
CA GLY D 17 -17.16 -22.68 -30.27
C GLY D 17 -17.83 -21.93 -29.14
N LEU D 18 -17.24 -22.00 -27.96
CA LEU D 18 -17.64 -21.17 -26.84
C LEU D 18 -17.29 -19.74 -27.19
N ARG D 19 -18.28 -18.86 -27.13
CA ARG D 19 -18.07 -17.48 -27.56
C ARG D 19 -17.01 -16.83 -26.66
N GLU D 20 -15.93 -16.28 -27.25
CA GLU D 20 -14.83 -15.70 -26.45
C GLU D 20 -15.30 -14.54 -25.58
N THR D 21 -16.35 -13.83 -26.00
CA THR D 21 -16.93 -12.75 -25.22
C THR D 21 -17.97 -13.23 -24.19
N ALA D 22 -18.09 -14.53 -23.98
CA ALA D 22 -19.09 -15.05 -23.05
C ALA D 22 -18.91 -14.48 -21.66
N GLY D 23 -20.03 -14.26 -20.98
CA GLY D 23 -20.06 -13.65 -19.65
C GLY D 23 -19.68 -14.63 -18.56
N ILE D 24 -19.42 -14.09 -17.39
CA ILE D 24 -19.02 -14.93 -16.25
C ILE D 24 -20.21 -15.73 -15.72
N GLY D 25 -19.95 -17.00 -15.37
CA GLY D 25 -21.01 -17.95 -15.01
C GLY D 25 -21.64 -18.69 -16.19
N THR D 26 -21.09 -18.56 -17.39
CA THR D 26 -21.69 -19.21 -18.55
C THR D 26 -21.45 -20.70 -18.46
N SER D 27 -22.46 -21.49 -18.79
CA SER D 27 -22.35 -22.95 -18.75
C SER D 27 -21.41 -23.40 -19.87
N VAL D 28 -20.42 -24.21 -19.50
CA VAL D 28 -19.42 -24.68 -20.45
C VAL D 28 -19.70 -26.11 -20.91
N ILE D 29 -19.77 -27.04 -19.97
CA ILE D 29 -20.24 -28.40 -20.25
C ILE D 29 -20.47 -29.11 -18.93
N VAL D 30 -21.35 -30.12 -18.91
CA VAL D 30 -21.58 -30.92 -17.72
C VAL D 30 -20.92 -32.28 -17.79
N VAL D 31 -20.10 -32.58 -16.76
CA VAL D 31 -19.48 -33.90 -16.66
C VAL D 31 -20.30 -34.78 -15.74
N ARG D 32 -20.09 -36.08 -15.86
CA ARG D 32 -20.87 -37.06 -15.12
C ARG D 32 -20.04 -38.34 -14.98
N ALA D 33 -19.83 -38.73 -13.74
CA ALA D 33 -19.17 -40.01 -13.45
C ALA D 33 -20.13 -40.85 -12.66
N THR D 34 -20.33 -42.07 -13.16
CA THR D 34 -21.34 -42.96 -12.61
C THR D 34 -20.64 -44.00 -11.76
N ASP D 35 -21.33 -44.34 -10.68
CA ASP D 35 -20.80 -45.20 -9.61
C ASP D 35 -22.03 -45.82 -9.04
N LYS D 36 -22.25 -47.13 -9.17
CA LYS D 36 -23.53 -47.72 -8.72
C LYS D 36 -23.36 -48.50 -7.42
N ASP D 37 -22.50 -47.95 -6.57
CA ASP D 37 -22.38 -48.44 -5.20
C ASP D 37 -23.55 -47.84 -4.46
N GLY D 39 -25.16 -44.08 -4.50
CA GLY D 39 -25.18 -44.52 -3.09
C GLY D 39 -24.14 -43.75 -2.32
N ASP D 40 -23.57 -44.32 -1.24
CA ASP D 40 -22.43 -43.66 -0.58
C ASP D 40 -21.06 -44.28 -0.86
N GLY D 41 -21.02 -45.37 -1.61
CA GLY D 41 -19.76 -45.76 -2.29
C GLY D 41 -19.75 -45.15 -3.67
N GLY D 42 -20.93 -44.65 -4.07
CA GLY D 42 -21.15 -44.08 -5.37
C GLY D 42 -21.62 -42.67 -5.30
N LEU D 43 -21.16 -41.96 -4.27
CA LEU D 43 -21.35 -40.51 -4.19
C LEU D 43 -20.05 -39.83 -4.59
N VAL D 44 -20.00 -39.19 -5.76
CA VAL D 44 -18.72 -38.75 -6.27
C VAL D 44 -18.55 -37.25 -6.18
N ASN D 45 -17.32 -36.81 -5.93
CA ASN D 45 -17.02 -35.37 -5.78
C ASN D 45 -16.14 -34.89 -6.92
N TYR D 46 -16.55 -33.82 -7.59
CA TYR D 46 -15.89 -33.39 -8.81
C TYR D 46 -14.86 -32.28 -8.57
N ARG D 47 -13.78 -32.33 -9.33
CA ARG D 47 -12.64 -31.40 -9.16
C ARG D 47 -11.85 -31.26 -10.48
N ILE D 48 -11.42 -30.03 -10.77
CA ILE D 48 -10.45 -29.80 -11.86
C ILE D 48 -9.04 -29.80 -11.28
N LEU D 49 -8.16 -30.67 -11.80
CA LEU D 49 -6.78 -30.78 -11.31
C LEU D 49 -5.80 -29.86 -12.04
N SER D 50 -6.08 -29.58 -13.32
CA SER D 50 -5.21 -28.69 -14.10
C SER D 50 -5.92 -28.16 -15.35
N GLY D 51 -5.43 -27.03 -15.85
CA GLY D 51 -5.73 -26.60 -17.23
C GLY D 51 -6.74 -25.51 -17.34
N ALA D 52 -7.36 -25.15 -16.25
CA ALA D 52 -8.42 -24.13 -16.28
C ALA D 52 -7.83 -22.73 -16.24
N GLU D 53 -6.60 -22.60 -15.74
CA GLU D 53 -5.87 -21.32 -15.74
C GLU D 53 -6.69 -20.12 -15.21
N GLY D 54 -7.48 -20.31 -14.14
CA GLY D 54 -8.23 -19.22 -13.51
C GLY D 54 -9.46 -18.70 -14.26
N LYS D 55 -9.83 -19.39 -15.36
CA LYS D 55 -11.00 -19.05 -16.18
C LYS D 55 -12.20 -19.95 -15.94
N PHE D 56 -12.01 -21.16 -15.40
CA PHE D 56 -13.12 -22.07 -15.18
C PHE D 56 -13.12 -22.68 -13.78
N GLU D 57 -14.32 -23.10 -13.37
CA GLU D 57 -14.55 -23.72 -12.08
C GLU D 57 -15.61 -24.76 -12.21
N ILE D 58 -15.44 -25.87 -11.50
CA ILE D 58 -16.42 -26.96 -11.55
C ILE D 58 -17.22 -27.03 -10.26
N ASP D 59 -18.51 -27.35 -10.36
CA ASP D 59 -19.29 -27.62 -9.16
C ASP D 59 -18.93 -29.01 -8.67
N GLU D 60 -18.54 -29.11 -7.41
CA GLU D 60 -18.05 -30.34 -6.79
C GLU D 60 -19.10 -31.46 -6.85
N SER D 61 -20.35 -31.05 -6.86
CA SER D 61 -21.45 -31.94 -6.65
C SER D 61 -22.24 -32.13 -7.96
N THR D 62 -22.44 -31.03 -8.69
CA THR D 62 -23.19 -31.03 -9.93
C THR D 62 -22.37 -31.53 -11.11
N GLY D 63 -21.07 -31.22 -11.11
CA GLY D 63 -20.20 -31.58 -12.21
C GLY D 63 -20.34 -30.61 -13.38
N LEU D 64 -21.02 -29.48 -13.17
CA LEU D 64 -21.13 -28.46 -14.19
C LEU D 64 -19.90 -27.61 -14.15
N ILE D 65 -19.31 -27.35 -15.32
CA ILE D 65 -18.24 -26.36 -15.44
C ILE D 65 -18.76 -25.02 -15.99
N VAL D 66 -18.37 -23.90 -15.36
CA VAL D 66 -18.79 -22.55 -15.76
C VAL D 66 -17.57 -21.65 -15.84
N THR D 67 -17.69 -20.51 -16.51
CA THR D 67 -16.56 -19.58 -16.59
C THR D 67 -16.51 -18.74 -15.33
N VAL D 68 -15.33 -18.24 -14.98
CA VAL D 68 -15.14 -17.44 -13.77
C VAL D 68 -14.34 -16.14 -13.97
N ASP D 69 -13.72 -15.89 -15.13
CA ASP D 69 -13.55 -14.50 -15.63
C ASP D 69 -13.59 -14.47 -17.15
N TYR D 70 -13.07 -13.40 -17.77
CA TYR D 70 -13.22 -13.27 -19.17
C TYR D 70 -12.27 -14.14 -19.95
N LEU D 71 -12.68 -14.48 -21.17
CA LEU D 71 -11.87 -15.25 -22.10
C LEU D 71 -11.36 -14.30 -23.19
N ASP D 72 -10.43 -14.78 -24.02
CA ASP D 72 -9.91 -14.04 -25.16
C ASP D 72 -9.31 -15.04 -26.21
N TYR D 73 -9.94 -15.08 -27.38
CA TYR D 73 -9.45 -15.87 -28.51
C TYR D 73 -8.03 -15.48 -28.87
N GLU D 74 -7.78 -14.18 -28.88
CA GLU D 74 -6.48 -13.65 -29.29
C GLU D 74 -5.37 -13.88 -28.25
N THR D 75 -5.70 -14.26 -27.01
CA THR D 75 -4.69 -14.66 -26.02
C THR D 75 -4.58 -16.19 -25.82
N LYS D 76 -5.72 -16.89 -25.90
CA LYS D 76 -5.67 -18.37 -25.85
C LYS D 76 -6.88 -18.97 -26.55
N THR D 77 -6.62 -19.79 -27.57
CA THR D 77 -7.67 -20.27 -28.47
C THR D 77 -8.40 -21.50 -27.96
N SER D 78 -7.74 -22.28 -27.10
CA SER D 78 -8.37 -23.47 -26.52
C SER D 78 -7.77 -23.90 -25.17
N TYR D 79 -8.56 -24.68 -24.40
CA TYR D 79 -8.26 -25.12 -23.05
C TYR D 79 -8.42 -26.65 -22.95
N LEU D 80 -7.52 -27.31 -22.21
CA LEU D 80 -7.69 -28.74 -21.92
C LEU D 80 -7.59 -29.00 -20.40
N MET D 81 -8.75 -29.23 -19.76
CA MET D 81 -8.82 -29.34 -18.31
C MET D 81 -8.82 -30.78 -17.88
N ASN D 82 -8.13 -31.09 -16.79
CA ASN D 82 -8.11 -32.45 -16.25
C ASN D 82 -9.03 -32.50 -15.08
N VAL D 83 -9.96 -33.46 -15.08
CA VAL D 83 -10.99 -33.53 -14.02
C VAL D 83 -10.91 -34.88 -13.31
N SER D 84 -11.11 -34.87 -11.99
CA SER D 84 -11.20 -36.10 -11.20
C SER D 84 -12.58 -36.25 -10.54
N ALA D 85 -13.00 -37.49 -10.35
CA ALA D 85 -14.17 -37.81 -9.55
C ALA D 85 -13.74 -38.79 -8.49
N THR D 86 -13.93 -38.42 -7.24
CA THR D 86 -13.55 -39.27 -6.13
C THR D 86 -14.81 -39.76 -5.42
N ASP D 87 -14.97 -41.08 -5.25
CA ASP D 87 -16.16 -41.55 -4.51
C ASP D 87 -16.06 -41.23 -3.01
N GLY D 88 -17.20 -41.29 -2.33
CA GLY D 88 -17.38 -40.63 -1.03
C GLY D 88 -17.18 -41.55 0.13
N ALA D 89 -16.73 -42.77 -0.15
CA ALA D 89 -16.42 -43.73 0.90
C ALA D 89 -15.00 -44.21 0.71
N PRO D 90 -14.38 -44.67 1.81
CA PRO D 90 -13.11 -45.40 1.72
C PRO D 90 -13.15 -46.48 0.62
N PRO D 91 -12.08 -46.60 -0.19
CA PRO D 91 -10.81 -45.86 -0.05
C PRO D 91 -10.71 -44.61 -0.93
N PHE D 92 -11.83 -44.01 -1.26
CA PHE D 92 -11.88 -42.77 -2.04
C PHE D 92 -11.30 -43.01 -3.44
N ASN D 93 -11.88 -43.97 -4.15
CA ASN D 93 -11.37 -44.35 -5.45
C ASN D 93 -11.60 -43.19 -6.39
N GLN D 94 -10.68 -42.97 -7.33
CA GLN D 94 -10.79 -41.88 -8.28
C GLN D 94 -11.07 -42.35 -9.70
N GLY D 95 -11.68 -41.46 -10.48
CA GLY D 95 -11.86 -41.62 -11.94
C GLY D 95 -11.41 -40.35 -12.64
N PHE D 96 -11.15 -40.41 -13.95
CA PHE D 96 -10.49 -39.31 -14.65
C PHE D 96 -11.03 -39.09 -16.04
N CYS D 97 -11.09 -37.82 -16.44
CA CYS D 97 -11.38 -37.43 -17.83
C CYS D 97 -10.66 -36.12 -18.15
N SER D 98 -10.75 -35.67 -19.38
CA SER D 98 -10.38 -34.28 -19.69
C SER D 98 -11.49 -33.56 -20.42
N VAL D 99 -11.39 -32.23 -20.47
CA VAL D 99 -12.44 -31.42 -21.07
C VAL D 99 -11.78 -30.44 -22.05
N TYR D 100 -12.19 -30.55 -23.32
CA TYR D 100 -11.56 -29.76 -24.39
C TYR D 100 -12.52 -28.66 -24.71
N VAL D 101 -12.07 -27.42 -24.49
CA VAL D 101 -12.83 -26.23 -24.86
C VAL D 101 -12.08 -25.46 -25.96
N THR D 102 -12.71 -25.22 -27.11
CA THR D 102 -12.20 -24.29 -28.11
C THR D 102 -13.11 -23.06 -28.17
N LEU D 103 -12.49 -21.93 -28.46
CA LEU D 103 -13.18 -20.64 -28.42
C LEU D 103 -13.56 -20.17 -29.82
N LEU D 104 -14.65 -19.42 -29.89
CA LEU D 104 -15.13 -18.89 -31.15
C LEU D 104 -14.61 -17.48 -31.25
N ASN D 105 -13.74 -17.21 -32.23
CA ASN D 105 -13.31 -15.86 -32.48
C ASN D 105 -14.52 -15.02 -32.87
N GLU D 106 -14.70 -13.92 -32.13
CA GLU D 106 -15.72 -12.97 -32.47
C GLU D 106 -15.06 -11.64 -32.69
N LEU D 107 -15.80 -10.73 -33.32
CA LEU D 107 -15.31 -9.41 -33.62
C LEU D 107 -15.35 -8.52 -32.36
N ASP D 108 -14.26 -8.55 -31.61
CA ASP D 108 -14.12 -7.82 -30.34
C ASP D 108 -12.80 -7.05 -30.23
N GLU D 109 -12.10 -6.84 -31.34
CA GLU D 109 -10.79 -6.20 -31.31
C GLU D 109 -10.74 -5.10 -32.34
N ALA D 110 -9.69 -4.28 -32.29
CA ALA D 110 -9.56 -3.11 -33.16
C ALA D 110 -8.95 -3.50 -34.52
N VAL D 111 -8.16 -2.61 -35.10
CA VAL D 111 -7.59 -2.78 -36.42
C VAL D 111 -6.21 -2.12 -36.44
N GLN D 112 -5.25 -2.73 -37.14
CA GLN D 112 -3.93 -2.12 -37.34
C GLN D 112 -3.79 -1.59 -38.77
N PHE D 113 -3.00 -0.53 -38.93
CA PHE D 113 -2.63 0.03 -40.22
C PHE D 113 -1.27 -0.49 -40.67
N SER D 114 -0.92 -0.26 -41.95
CA SER D 114 0.35 -0.75 -42.48
C SER D 114 1.56 0.12 -42.11
N ASN D 115 1.30 1.33 -41.59
CA ASN D 115 2.36 2.20 -41.05
C ASN D 115 1.80 3.16 -40.02
N ALA D 116 2.74 3.91 -39.46
CA ALA D 116 2.46 4.88 -38.42
C ALA D 116 1.65 6.03 -38.96
N SER D 117 1.95 6.43 -40.18
CA SER D 117 1.23 7.51 -40.82
C SER D 117 1.35 7.30 -42.31
N TYR D 118 0.82 8.24 -43.09
CA TYR D 118 1.06 8.26 -44.54
C TYR D 118 1.44 9.65 -45.03
N GLU D 119 2.08 9.74 -46.20
CA GLU D 119 2.75 10.97 -46.67
C GLU D 119 2.61 11.06 -48.18
N ALA D 120 2.33 12.26 -48.67
CA ALA D 120 2.37 12.50 -50.12
C ALA D 120 2.91 13.89 -50.38
N VAL D 121 3.85 14.02 -51.31
CA VAL D 121 4.26 15.31 -51.82
C VAL D 121 3.70 15.40 -53.24
N ILE D 122 2.90 16.43 -53.51
CA ILE D 122 2.26 16.59 -54.82
C ILE D 122 2.49 17.98 -55.40
N MET D 123 2.26 18.08 -56.70
CA MET D 123 2.31 19.39 -57.33
C MET D 123 0.91 19.90 -57.59
N GLU D 124 0.80 21.24 -57.52
CA GLU D 124 -0.37 22.00 -57.94
C GLU D 124 -0.96 21.48 -59.24
N ASN D 125 -2.26 21.70 -59.38
CA ASN D 125 -2.95 21.45 -60.64
C ASN D 125 -2.75 20.02 -61.11
N LEU D 126 -2.73 19.09 -60.17
CA LEU D 126 -2.69 17.69 -60.50
C LEU D 126 -3.98 17.27 -61.15
N ALA D 127 -3.86 16.33 -62.09
CA ALA D 127 -5.02 15.86 -62.84
C ALA D 127 -5.99 15.17 -61.90
N LEU D 128 -7.28 15.23 -62.22
CA LEU D 128 -8.30 14.58 -61.42
C LEU D 128 -8.13 13.08 -61.49
N GLY D 129 -8.35 12.42 -60.37
CA GLY D 129 -8.26 10.97 -60.27
C GLY D 129 -6.84 10.42 -60.19
N THR D 130 -5.85 11.29 -59.96
CA THR D 130 -4.49 10.86 -59.69
C THR D 130 -4.41 10.21 -58.30
N GLU D 131 -3.76 9.05 -58.22
CA GLU D 131 -3.57 8.38 -56.94
C GLU D 131 -2.43 9.05 -56.17
N ILE D 132 -2.72 9.39 -54.91
CA ILE D 132 -1.82 10.19 -54.07
C ILE D 132 -1.03 9.30 -53.10
N VAL D 133 -1.75 8.42 -52.44
CA VAL D 133 -1.18 7.45 -51.50
C VAL D 133 -2.29 6.44 -51.19
N ARG D 134 -1.94 5.32 -50.55
CA ARG D 134 -2.94 4.32 -50.22
C ARG D 134 -2.89 3.88 -48.75
N VAL D 135 -4.03 4.01 -48.08
CA VAL D 135 -4.16 3.59 -46.69
C VAL D 135 -4.68 2.18 -46.72
N GLN D 136 -4.05 1.32 -45.93
CA GLN D 136 -4.35 -0.11 -45.89
C GLN D 136 -4.32 -0.52 -44.43
N ALA D 137 -5.31 -1.31 -44.03
CA ALA D 137 -5.48 -1.70 -42.64
C ALA D 137 -5.97 -3.15 -42.53
N TYR D 138 -5.76 -3.75 -41.37
CA TYR D 138 -5.82 -5.21 -41.21
C TYR D 138 -6.55 -5.56 -39.93
N ASP D 139 -7.76 -6.09 -40.08
CA ASP D 139 -8.59 -6.46 -38.94
C ASP D 139 -7.81 -7.38 -37.99
N ILE D 140 -7.55 -6.91 -36.78
CA ILE D 140 -6.90 -7.74 -35.76
C ILE D 140 -7.63 -9.07 -35.61
N ASP D 141 -8.97 -9.02 -35.60
CA ASP D 141 -9.80 -10.23 -35.42
C ASP D 141 -9.67 -11.25 -36.55
N ASN D 142 -9.21 -10.81 -37.73
CA ASN D 142 -9.04 -11.65 -38.91
C ASN D 142 -10.38 -12.23 -39.40
N LEU D 143 -11.45 -11.48 -39.23
CA LEU D 143 -12.77 -11.85 -39.70
C LEU D 143 -13.26 -10.96 -40.86
N ASN D 144 -13.14 -9.64 -40.70
CA ASN D 144 -13.80 -8.68 -41.58
C ASN D 144 -12.86 -7.86 -42.45
N GLN D 145 -13.45 -7.31 -43.51
CA GLN D 145 -12.72 -6.47 -44.43
C GLN D 145 -12.83 -5.03 -44.02
N ILE D 146 -11.75 -4.27 -44.24
CA ILE D 146 -11.73 -2.87 -43.86
C ILE D 146 -12.50 -2.05 -44.92
N THR D 147 -13.24 -1.04 -44.43
CA THR D 147 -13.80 0.00 -45.28
C THR D 147 -13.27 1.36 -44.84
N TYR D 148 -12.87 2.18 -45.81
CA TYR D 148 -12.14 3.40 -45.50
C TYR D 148 -12.99 4.62 -45.77
N ARG D 149 -12.92 5.58 -44.85
CA ARG D 149 -13.55 6.86 -45.02
C ARG D 149 -12.77 7.95 -44.30
N PHE D 150 -12.98 9.18 -44.74
CA PHE D 150 -12.48 10.33 -44.03
C PHE D 150 -13.36 10.54 -42.85
N ASP D 151 -12.75 11.01 -41.78
CA ASP D 151 -13.42 11.40 -40.55
C ASP D 151 -14.46 12.47 -40.87
N ALA D 152 -15.63 12.39 -40.24
CA ALA D 152 -16.77 13.26 -40.56
C ALA D 152 -16.44 14.75 -40.44
N TYR D 153 -15.53 15.07 -39.53
CA TYR D 153 -15.16 16.45 -39.21
C TYR D 153 -13.93 16.92 -39.96
N THR D 154 -13.57 16.19 -41.00
CA THR D 154 -12.72 16.71 -42.07
C THR D 154 -13.38 17.93 -42.72
N SER D 155 -12.56 18.96 -42.98
CA SER D 155 -13.04 20.23 -43.54
C SER D 155 -13.73 20.08 -44.91
N ALA D 156 -14.71 20.96 -45.16
CA ALA D 156 -15.34 21.09 -46.48
C ALA D 156 -14.32 21.19 -47.62
N GLN D 157 -13.36 22.10 -47.42
CA GLN D 157 -12.29 22.34 -48.39
C GLN D 157 -11.59 21.03 -48.76
N ALA D 158 -11.24 20.22 -47.75
CA ALA D 158 -10.51 18.97 -48.01
C ALA D 158 -11.42 17.85 -48.48
N LYS D 159 -12.71 17.92 -48.13
CA LYS D 159 -13.67 16.99 -48.74
C LYS D 159 -13.89 17.29 -50.21
N ALA D 160 -13.76 18.57 -50.59
CA ALA D 160 -13.89 18.95 -52.01
C ALA D 160 -12.68 18.51 -52.85
N LEU D 161 -11.49 18.46 -52.23
CA LEU D 161 -10.23 18.25 -52.98
C LEU D 161 -9.86 16.78 -53.09
N PHE D 162 -10.15 15.99 -52.06
CA PHE D 162 -9.78 14.58 -52.03
C PHE D 162 -10.95 13.62 -51.83
N LYS D 163 -10.75 12.40 -52.29
CA LYS D 163 -11.70 11.32 -52.11
C LYS D 163 -10.88 10.09 -51.75
N ILE D 164 -11.31 9.34 -50.75
CA ILE D 164 -10.75 8.01 -50.51
C ILE D 164 -11.70 6.94 -51.00
N ASP D 165 -11.16 5.88 -51.57
CA ASP D 165 -11.96 4.72 -51.98
C ASP D 165 -12.33 3.90 -50.75
N ALA D 166 -13.62 3.61 -50.62
CA ALA D 166 -14.16 2.87 -49.48
C ALA D 166 -13.69 1.39 -49.41
N ILE D 167 -13.16 0.88 -50.52
CA ILE D 167 -12.68 -0.50 -50.58
C ILE D 167 -11.16 -0.53 -50.57
N THR D 168 -10.53 0.13 -51.54
CA THR D 168 -9.08 0.01 -51.68
C THR D 168 -8.33 0.88 -50.67
N GLY D 169 -8.99 1.89 -50.13
CA GLY D 169 -8.29 2.86 -49.26
C GLY D 169 -7.34 3.78 -50.02
N VAL D 170 -7.51 3.85 -51.34
CA VAL D 170 -6.67 4.71 -52.18
C VAL D 170 -7.25 6.12 -52.12
N ILE D 171 -6.41 7.10 -51.82
CA ILE D 171 -6.83 8.50 -51.82
C ILE D 171 -6.48 9.08 -53.18
N THR D 172 -7.44 9.78 -53.80
CA THR D 172 -7.25 10.36 -55.14
C THR D 172 -7.56 11.85 -55.16
N VAL D 173 -7.18 12.51 -56.25
CA VAL D 173 -7.53 13.90 -56.46
C VAL D 173 -8.95 14.03 -57.04
N LYS D 174 -9.77 14.77 -56.31
CA LYS D 174 -11.19 14.94 -56.55
C LYS D 174 -11.42 16.26 -57.20
N GLY D 175 -10.82 17.30 -56.65
CA GLY D 175 -10.88 18.67 -57.22
C GLY D 175 -9.51 19.27 -57.48
N LEU D 176 -9.44 20.60 -57.56
CA LEU D 176 -8.22 21.29 -57.98
C LEU D 176 -7.39 21.72 -56.80
N VAL D 177 -6.19 21.13 -56.67
CA VAL D 177 -5.23 21.59 -55.66
C VAL D 177 -4.49 22.83 -56.11
N ASP D 178 -4.80 23.95 -55.47
CA ASP D 178 -4.14 25.23 -55.69
C ASP D 178 -3.32 25.48 -54.40
N ARG D 179 -2.03 25.72 -54.60
CA ARG D 179 -1.10 25.94 -53.46
C ARG D 179 -1.50 27.14 -52.59
N GLU D 180 -1.84 28.23 -53.23
CA GLU D 180 -2.15 29.48 -52.52
C GLU D 180 -3.41 29.32 -51.62
N LYS D 181 -4.27 28.35 -51.94
CA LYS D 181 -5.46 28.05 -51.13
C LYS D 181 -5.18 27.08 -49.97
N GLY D 182 -4.16 26.25 -50.12
CA GLY D 182 -3.78 25.29 -49.08
C GLY D 182 -2.57 24.50 -49.54
N ASP D 183 -1.48 24.61 -48.79
CA ASP D 183 -0.20 24.00 -49.17
C ASP D 183 0.09 22.69 -48.41
N PHE D 184 -0.72 22.38 -47.41
CA PHE D 184 -0.51 21.22 -46.59
C PHE D 184 -1.84 20.75 -45.98
N TYR D 185 -2.09 19.45 -46.00
CA TYR D 185 -3.33 18.92 -45.41
C TYR D 185 -2.98 17.78 -44.49
N THR D 186 -3.57 17.78 -43.30
CA THR D 186 -3.54 16.62 -42.43
C THR D 186 -4.94 15.99 -42.44
N LEU D 187 -5.07 14.88 -43.17
CA LEU D 187 -6.31 14.11 -43.20
C LEU D 187 -6.32 12.99 -42.17
N THR D 188 -7.51 12.65 -41.69
CA THR D 188 -7.70 11.60 -40.70
C THR D 188 -8.57 10.51 -41.31
N VAL D 189 -7.99 9.33 -41.53
CA VAL D 189 -8.72 8.24 -42.17
C VAL D 189 -9.21 7.25 -41.11
N VAL D 190 -10.48 6.86 -41.19
CA VAL D 190 -11.00 5.82 -40.34
C VAL D 190 -11.04 4.52 -41.11
N ALA D 191 -10.62 3.45 -40.44
CA ALA D 191 -10.73 2.08 -40.93
C ALA D 191 -11.78 1.34 -40.09
N ASP D 192 -12.91 1.02 -40.72
CA ASP D 192 -14.01 0.34 -40.03
C ASP D 192 -13.98 -1.15 -40.36
N ASP D 193 -14.02 -1.96 -39.31
CA ASP D 193 -14.13 -3.41 -39.41
C ASP D 193 -15.57 -3.86 -39.12
N GLY D 194 -16.46 -2.90 -38.84
CA GLY D 194 -17.81 -3.21 -38.35
C GLY D 194 -17.86 -3.55 -36.86
N GLY D 195 -16.80 -3.20 -36.15
CA GLY D 195 -16.63 -3.66 -34.79
C GLY D 195 -16.93 -2.65 -33.72
N PRO D 196 -16.80 -3.08 -32.46
CA PRO D 196 -17.23 -2.28 -31.28
C PRO D 196 -16.29 -1.16 -30.86
N LYS D 197 -14.99 -1.41 -30.95
CA LYS D 197 -13.96 -0.57 -30.36
C LYS D 197 -14.05 0.91 -30.76
N VAL D 198 -13.44 1.76 -29.92
CA VAL D 198 -12.99 3.11 -30.29
C VAL D 198 -12.35 3.06 -31.66
N ASP D 199 -12.74 4.01 -32.50
CA ASP D 199 -12.40 3.99 -33.92
C ASP D 199 -10.90 3.99 -34.13
N SER D 200 -10.42 3.14 -35.04
CA SER D 200 -9.01 3.14 -35.43
C SER D 200 -8.77 4.13 -36.58
N THR D 201 -7.92 5.13 -36.31
CA THR D 201 -7.62 6.17 -37.26
C THR D 201 -6.12 6.30 -37.46
N VAL D 202 -5.78 6.87 -38.61
CA VAL D 202 -4.40 7.19 -38.98
C VAL D 202 -4.38 8.55 -39.67
N LYS D 203 -3.23 9.24 -39.56
CA LYS D 203 -3.00 10.51 -40.25
C LYS D 203 -2.43 10.32 -41.64
N VAL D 204 -2.90 11.14 -42.58
CA VAL D 204 -2.30 11.27 -43.91
C VAL D 204 -1.87 12.73 -44.09
N TYR D 205 -0.58 12.94 -44.34
CA TYR D 205 -0.01 14.28 -44.44
C TYR D 205 0.34 14.64 -45.86
N ILE D 206 -0.38 15.57 -46.47
CA ILE D 206 -0.21 15.87 -47.88
C ILE D 206 0.40 17.24 -48.09
N THR D 207 1.51 17.30 -48.82
CA THR D 207 2.24 18.56 -49.05
C THR D 207 2.07 18.96 -50.53
N VAL D 208 1.87 20.25 -50.79
CA VAL D 208 1.56 20.75 -52.13
C VAL D 208 2.64 21.74 -52.59
N LEU D 209 3.15 21.54 -53.78
CA LEU D 209 4.26 22.33 -54.26
C LEU D 209 3.82 23.16 -55.48
N ASP D 210 4.74 24.02 -55.92
CA ASP D 210 4.48 24.96 -57.01
C ASP D 210 4.38 24.24 -58.37
N GLU D 211 3.65 24.86 -59.31
CA GLU D 211 3.68 24.45 -60.71
C GLU D 211 4.86 25.20 -61.40
CA CA E . -12.89 41.02 -42.09
CA CA F . -20.02 4.96 -17.74
CA CA G . -17.23 6.51 -16.43
NA NA H . -20.23 -0.82 -13.42
CA CA I . -9.42 -18.74 19.32
CA CA J . 13.16 14.61 31.62
CA CA K . 14.75 16.56 28.51
NA NA L . 17.53 22.83 30.58
CA CA M . 18.57 -10.23 20.53
CA CA N . 16.35 -9.44 17.39
NA NA O . 13.24 -15.43 15.67
CA CA P . -11.78 -11.68 -31.65
CA CA Q . -10.82 -11.05 -27.79
NA NA R . -11.52 -5.96 -35.26
#